data_7DVJ
#
_entry.id   7DVJ
#
_cell.length_a   56.493
_cell.length_b   110.284
_cell.length_c   150.438
_cell.angle_alpha   90.000
_cell.angle_beta   90.000
_cell.angle_gamma   90.000
#
_symmetry.space_group_name_H-M   'P 2 21 21'
#
loop_
_entity.id
_entity.type
_entity.pdbx_description
1 polymer Endo-beta-1,4-mannanase
2 branched beta-D-mannopyranose-(1-4)-beta-D-mannopyranose
3 water water
#
_entity_poly.entity_id   1
_entity_poly.type   'polypeptide(L)'
_entity_poly.pdbx_seq_one_letter_code
;MGSSHHHHHHSSGLVPRGSHMASMTGGQQMGRGSMDYIKGMTWGWIGNSEDWRSNEAERSMEEMTNLAINWTAIAFQGLQ
ETAHSPDITFAEPPMVTDENVRWAIAKAKSLGLSVILKPIVNVRDGTWRAHINFFDKDVPCEPTWSQWFKSYESFMLHYA
KLAEDTGCEMLCIGCAMVQTERREKEWRDLIQKVRQVYSGIITYNCDKYQEDEVTWWDAVDVMSSSGYYPIGSWEHHESR
IKKIVESWQKPFFFMEAGCPSRLESGSVPNDWNKNRGQIDMDEQRVFYEEMFKFFHGQKWFYGFMLWDWPAKLYRLEDAS
ENDDYCVYGKPAAEVIKSFFTSNKIAKR
;
_entity_poly.pdbx_strand_id   A,B
#
loop_
_chem_comp.id
_chem_comp.type
_chem_comp.name
_chem_comp.formula
BMA D-saccharide, beta linking beta-D-mannopyranose 'C6 H12 O6'
#
# COMPACT_ATOMS: atom_id res chain seq x y z
N MET A 35 -16.69 -25.13 22.64
CA MET A 35 -15.77 -25.50 21.53
C MET A 35 -14.66 -26.41 22.06
N ASP A 36 -14.06 -27.15 21.15
CA ASP A 36 -12.96 -28.09 21.44
C ASP A 36 -11.69 -27.31 21.80
N TYR A 37 -10.87 -27.85 22.68
CA TYR A 37 -9.55 -27.24 22.91
C TYR A 37 -8.66 -27.77 21.79
N ILE A 38 -8.12 -26.86 21.01
CA ILE A 38 -7.32 -27.19 19.80
C ILE A 38 -5.87 -27.47 20.19
N LYS A 39 -5.42 -28.67 19.87
CA LYS A 39 -4.00 -29.06 19.88
C LYS A 39 -3.60 -29.35 18.43
N GLY A 40 -3.10 -28.33 17.76
CA GLY A 40 -3.02 -28.38 16.30
C GLY A 40 -1.65 -28.14 15.74
N MET A 41 -1.46 -28.61 14.50
CA MET A 41 -0.31 -28.22 13.67
C MET A 41 -0.81 -27.91 12.26
N THR A 42 -0.35 -26.80 11.71
CA THR A 42 -0.65 -26.40 10.30
C THR A 42 0.15 -27.31 9.38
N TRP A 43 -0.51 -27.80 8.33
CA TRP A 43 0.10 -28.72 7.33
C TRP A 43 -0.08 -28.18 5.92
N GLY A 44 0.96 -28.33 5.10
CA GLY A 44 0.89 -28.23 3.63
C GLY A 44 1.32 -26.90 3.06
N TRP A 45 1.55 -25.91 3.90
CA TRP A 45 1.98 -24.58 3.39
C TRP A 45 3.29 -24.72 2.60
N ILE A 46 3.39 -24.13 1.42
CA ILE A 46 2.56 -23.00 0.91
C ILE A 46 1.41 -23.49 0.01
N GLY A 47 1.31 -24.78 -0.20
CA GLY A 47 0.23 -25.32 -1.03
C GLY A 47 0.68 -25.49 -2.48
N ASN A 48 1.48 -26.51 -2.70
CA ASN A 48 2.05 -26.81 -4.04
C ASN A 48 1.50 -28.19 -4.44
N SER A 49 0.75 -28.23 -5.53
CA SER A 49 0.09 -29.45 -6.04
C SER A 49 1.11 -30.60 -6.09
N GLU A 50 2.28 -30.35 -6.67
CA GLU A 50 3.28 -31.44 -6.83
C GLU A 50 3.65 -32.03 -5.48
N ASP A 51 3.95 -31.15 -4.54
CA ASP A 51 4.28 -31.60 -3.17
C ASP A 51 3.13 -32.42 -2.59
N TRP A 52 1.88 -31.96 -2.71
CA TRP A 52 0.76 -32.62 -2.01
C TRP A 52 0.44 -33.97 -2.69
N ARG A 53 0.71 -34.07 -3.99
CA ARG A 53 0.38 -35.31 -4.75
C ARG A 53 1.44 -36.40 -4.52
N SER A 54 2.64 -36.05 -4.03
CA SER A 54 3.76 -36.99 -3.82
C SER A 54 3.41 -37.98 -2.70
N ASN A 55 3.98 -39.19 -2.79
CA ASN A 55 3.99 -40.19 -1.69
C ASN A 55 4.49 -39.56 -0.40
N GLU A 56 5.45 -38.65 -0.48
CA GLU A 56 6.10 -38.05 0.71
C GLU A 56 5.05 -37.30 1.53
N ALA A 57 4.00 -36.77 0.88
CA ALA A 57 2.95 -35.99 1.59
C ALA A 57 2.27 -36.89 2.63
N GLU A 58 2.02 -38.15 2.27
CA GLU A 58 1.37 -39.10 3.19
C GLU A 58 2.29 -39.36 4.38
N ARG A 59 3.58 -39.58 4.17
CA ARG A 59 4.55 -39.86 5.26
C ARG A 59 4.65 -38.61 6.16
N SER A 60 4.60 -37.44 5.55
CA SER A 60 4.69 -36.16 6.27
C SER A 60 3.50 -36.02 7.24
N MET A 61 2.28 -36.23 6.75
CA MET A 61 1.09 -36.04 7.61
C MET A 61 1.04 -37.11 8.70
N GLU A 62 1.45 -38.34 8.39
CA GLU A 62 1.52 -39.40 9.42
C GLU A 62 2.49 -39.01 10.54
N GLU A 63 3.68 -38.56 10.19
CA GLU A 63 4.73 -38.21 11.16
C GLU A 63 4.22 -37.07 12.05
N MET A 64 3.50 -36.13 11.46
CA MET A 64 2.95 -34.98 12.21
C MET A 64 2.08 -35.46 13.39
N THR A 65 1.35 -36.57 13.24
CA THR A 65 0.43 -37.08 14.29
C THR A 65 1.19 -37.43 15.56
N ASN A 66 2.50 -37.68 15.51
CA ASN A 66 3.29 -38.02 16.71
C ASN A 66 3.48 -36.79 17.60
N LEU A 67 3.03 -35.59 17.18
CA LEU A 67 3.00 -34.44 18.13
C LEU A 67 1.84 -34.53 19.10
N ALA A 68 0.95 -35.53 19.01
CA ALA A 68 -0.24 -35.76 19.88
C ALA A 68 -1.25 -34.62 19.63
N ILE A 69 -1.26 -34.10 18.41
CA ILE A 69 -2.30 -33.15 17.92
C ILE A 69 -3.66 -33.86 17.78
N ASN A 70 -4.74 -33.10 17.91
CA ASN A 70 -6.09 -33.59 17.58
C ASN A 70 -6.71 -32.76 16.42
N TRP A 71 -6.01 -31.73 15.94
CA TRP A 71 -6.48 -30.87 14.83
C TRP A 71 -5.33 -30.62 13.88
N THR A 72 -5.64 -30.31 12.63
CA THR A 72 -4.66 -29.76 11.70
C THR A 72 -5.35 -28.66 10.90
N ALA A 73 -4.59 -27.62 10.57
CA ALA A 73 -5.06 -26.57 9.64
C ALA A 73 -4.45 -26.90 8.30
N ILE A 74 -5.29 -27.18 7.32
CA ILE A 74 -4.82 -27.46 5.94
C ILE A 74 -4.69 -26.13 5.20
N ALA A 75 -3.46 -25.65 5.07
CA ALA A 75 -3.18 -24.29 4.59
C ALA A 75 -2.56 -24.26 3.20
N PHE A 76 -3.04 -23.34 2.39
CA PHE A 76 -2.54 -23.24 1.00
C PHE A 76 -2.85 -21.84 0.47
N GLN A 77 -2.14 -21.48 -0.58
CA GLN A 77 -2.26 -20.11 -1.10
C GLN A 77 -3.11 -20.00 -2.36
N GLY A 78 -3.72 -18.82 -2.44
CA GLY A 78 -4.28 -18.21 -3.64
C GLY A 78 -3.36 -17.02 -3.99
N LEU A 79 -3.48 -16.45 -5.18
CA LEU A 79 -2.51 -15.39 -5.52
C LEU A 79 -3.15 -14.20 -6.24
N GLN A 80 -2.70 -13.01 -5.87
CA GLN A 80 -2.96 -11.77 -6.64
C GLN A 80 -1.62 -11.15 -7.02
N GLU A 81 -1.59 -10.32 -8.08
CA GLU A 81 -0.30 -9.85 -8.66
C GLU A 81 0.40 -8.90 -7.70
N THR A 82 -0.32 -7.88 -7.22
CA THR A 82 0.22 -6.83 -6.33
C THR A 82 -0.73 -6.65 -5.15
N ALA A 83 -0.34 -5.83 -4.18
CA ALA A 83 -1.17 -5.48 -3.03
C ALA A 83 -2.38 -4.60 -3.43
N HIS A 84 -2.38 -4.05 -4.64
CA HIS A 84 -3.44 -3.11 -5.10
C HIS A 84 -4.07 -3.63 -6.38
N SER A 85 -4.00 -4.93 -6.65
CA SER A 85 -4.74 -5.50 -7.78
C SER A 85 -5.95 -6.29 -7.30
N PRO A 86 -7.05 -6.24 -8.03
CA PRO A 86 -8.28 -6.85 -7.51
C PRO A 86 -8.50 -8.33 -7.83
N ASP A 87 -7.67 -8.97 -8.66
CA ASP A 87 -8.01 -10.35 -9.12
C ASP A 87 -7.17 -11.38 -8.36
N ILE A 88 -7.85 -12.36 -7.77
CA ILE A 88 -7.22 -13.51 -7.06
C ILE A 88 -7.40 -14.75 -7.92
N THR A 89 -6.29 -15.39 -8.22
CA THR A 89 -6.23 -16.71 -8.90
C THR A 89 -6.10 -17.80 -7.85
N PHE A 90 -6.74 -18.95 -8.08
CA PHE A 90 -6.63 -20.10 -7.16
C PHE A 90 -6.80 -21.38 -7.98
N ALA A 91 -6.31 -22.50 -7.46
CA ALA A 91 -6.59 -23.85 -8.03
C ALA A 91 -6.07 -23.92 -9.48
N GLU A 92 -4.98 -23.24 -9.75
CA GLU A 92 -4.29 -23.27 -11.06
C GLU A 92 -2.81 -23.54 -10.76
N PRO A 93 -2.05 -24.24 -11.63
CA PRO A 93 -0.65 -24.53 -11.36
C PRO A 93 0.17 -23.28 -11.01
N PRO A 94 1.02 -23.32 -9.97
CA PRO A 94 1.36 -24.56 -9.25
C PRO A 94 0.56 -24.78 -7.95
N MET A 95 -0.55 -24.07 -7.80
CA MET A 95 -1.41 -24.16 -6.60
C MET A 95 -2.15 -25.50 -6.51
N VAL A 96 -2.65 -25.79 -5.31
CA VAL A 96 -3.30 -27.10 -5.04
C VAL A 96 -4.55 -27.23 -5.90
N THR A 97 -4.79 -28.42 -6.44
CA THR A 97 -6.07 -28.76 -7.08
C THR A 97 -7.12 -29.04 -6.02
N ASP A 98 -8.37 -29.01 -6.43
CA ASP A 98 -9.49 -29.40 -5.55
C ASP A 98 -9.33 -30.86 -5.10
N GLU A 99 -8.86 -31.74 -5.98
CA GLU A 99 -8.55 -33.14 -5.60
C GLU A 99 -7.46 -33.19 -4.52
N ASN A 100 -6.37 -32.40 -4.65
CA ASN A 100 -5.29 -32.35 -3.64
C ASN A 100 -5.91 -31.95 -2.29
N VAL A 101 -6.83 -30.99 -2.32
CA VAL A 101 -7.44 -30.49 -1.06
C VAL A 101 -8.36 -31.55 -0.45
N ARG A 102 -9.18 -32.23 -1.25
CA ARG A 102 -10.03 -33.33 -0.74
C ARG A 102 -9.13 -34.42 -0.18
N TRP A 103 -8.02 -34.71 -0.85
CA TRP A 103 -7.06 -35.73 -0.37
C TRP A 103 -6.58 -35.35 1.04
N ALA A 104 -6.03 -34.14 1.18
CA ALA A 104 -5.42 -33.71 2.45
C ALA A 104 -6.45 -33.77 3.57
N ILE A 105 -7.67 -33.30 3.33
CA ILE A 105 -8.74 -33.31 4.37
C ILE A 105 -9.08 -34.76 4.77
N ALA A 106 -9.33 -35.63 3.79
CA ALA A 106 -9.70 -37.03 4.05
C ALA A 106 -8.55 -37.78 4.74
N LYS A 107 -7.32 -37.53 4.34
CA LYS A 107 -6.16 -38.18 4.98
C LYS A 107 -6.09 -37.73 6.44
N ALA A 108 -6.22 -36.44 6.70
CA ALA A 108 -6.19 -35.94 8.08
C ALA A 108 -7.27 -36.60 8.89
N LYS A 109 -8.48 -36.65 8.35
CA LYS A 109 -9.61 -37.23 9.08
C LYS A 109 -9.38 -38.73 9.31
N SER A 110 -8.78 -39.41 8.35
CA SER A 110 -8.44 -40.85 8.47
C SER A 110 -7.42 -41.08 9.61
N LEU A 111 -6.64 -40.04 9.98
CA LEU A 111 -5.61 -40.09 11.02
C LEU A 111 -6.24 -39.67 12.36
N GLY A 112 -7.54 -39.38 12.38
CA GLY A 112 -8.30 -39.03 13.60
C GLY A 112 -8.28 -37.53 13.92
N LEU A 113 -7.85 -36.69 12.97
CA LEU A 113 -7.75 -35.22 13.17
C LEU A 113 -9.04 -34.52 12.74
N SER A 114 -9.41 -33.51 13.50
CA SER A 114 -10.36 -32.46 13.06
C SER A 114 -9.59 -31.47 12.17
N VAL A 115 -10.32 -30.81 11.27
CA VAL A 115 -9.66 -30.01 10.20
C VAL A 115 -10.17 -28.57 10.22
N ILE A 116 -9.23 -27.64 10.23
CA ILE A 116 -9.47 -26.22 9.84
C ILE A 116 -9.01 -26.08 8.40
N LEU A 117 -9.91 -25.64 7.53
CA LEU A 117 -9.48 -25.30 6.15
C LEU A 117 -9.01 -23.84 6.15
N LYS A 118 -7.80 -23.58 5.65
CA LYS A 118 -7.21 -22.23 5.72
C LYS A 118 -6.70 -21.79 4.35
N PRO A 119 -7.58 -21.26 3.47
CA PRO A 119 -7.14 -20.67 2.20
C PRO A 119 -6.54 -19.31 2.50
N ILE A 120 -5.33 -19.03 2.03
CA ILE A 120 -4.63 -17.76 2.33
C ILE A 120 -4.26 -17.09 1.01
N VAL A 121 -4.66 -15.83 0.80
CA VAL A 121 -4.17 -15.07 -0.38
C VAL A 121 -2.76 -14.53 -0.12
N ASN A 122 -1.88 -14.76 -1.08
CA ASN A 122 -0.54 -14.16 -1.14
C ASN A 122 -0.44 -13.26 -2.39
N VAL A 123 0.61 -12.46 -2.42
CA VAL A 123 0.88 -11.45 -3.47
C VAL A 123 2.10 -11.89 -4.27
N ARG A 124 1.96 -12.03 -5.58
CA ARG A 124 3.07 -12.57 -6.40
C ARG A 124 4.35 -11.75 -6.27
N ASP A 125 4.23 -10.45 -6.12
CA ASP A 125 5.44 -9.58 -6.03
C ASP A 125 6.11 -9.69 -4.66
N GLY A 126 5.52 -10.44 -3.74
CA GLY A 126 6.17 -10.75 -2.44
C GLY A 126 5.71 -9.83 -1.33
N THR A 127 4.86 -8.85 -1.62
CA THR A 127 4.34 -7.95 -0.56
C THR A 127 3.54 -8.78 0.44
N TRP A 128 3.73 -8.53 1.72
CA TRP A 128 2.94 -9.17 2.80
C TRP A 128 1.46 -8.85 2.59
N ARG A 129 0.59 -9.83 2.69
CA ARG A 129 -0.86 -9.62 2.40
C ARG A 129 -1.51 -8.57 3.33
N ALA A 130 -0.95 -8.31 4.52
CA ALA A 130 -1.49 -7.30 5.47
C ALA A 130 -1.52 -5.92 4.83
N HIS A 131 -0.77 -5.68 3.74
CA HIS A 131 -0.78 -4.36 3.05
C HIS A 131 -1.78 -4.34 1.89
N ILE A 132 -2.49 -5.43 1.57
CA ILE A 132 -3.50 -5.39 0.49
C ILE A 132 -4.50 -4.29 0.85
N ASN A 133 -4.79 -3.40 -0.08
CA ASN A 133 -5.47 -2.13 0.27
C ASN A 133 -5.85 -1.40 -1.02
N PHE A 134 -6.94 -0.67 -0.93
CA PHE A 134 -7.51 0.13 -2.02
C PHE A 134 -7.91 1.48 -1.44
N PHE A 135 -8.08 2.48 -2.31
CA PHE A 135 -8.62 3.79 -1.88
C PHE A 135 -9.99 3.62 -1.21
N ASP A 136 -10.24 4.41 -0.18
CA ASP A 136 -11.57 4.47 0.49
C ASP A 136 -12.58 5.11 -0.46
N LYS A 137 -12.13 6.02 -1.31
CA LYS A 137 -13.03 6.66 -2.32
C LYS A 137 -12.95 5.88 -3.63
N ASP A 138 -14.08 5.39 -4.15
CA ASP A 138 -14.10 4.80 -5.51
C ASP A 138 -13.74 5.89 -6.52
N VAL A 139 -12.76 5.60 -7.36
CA VAL A 139 -12.29 6.51 -8.42
C VAL A 139 -12.38 5.78 -9.75
N PRO A 140 -12.87 6.44 -10.82
CA PRO A 140 -13.16 5.74 -12.07
C PRO A 140 -12.00 4.93 -12.65
N CYS A 141 -10.80 5.45 -12.60
CA CYS A 141 -9.70 4.81 -13.35
C CYS A 141 -8.85 3.95 -12.40
N GLU A 142 -9.37 3.56 -11.24
CA GLU A 142 -8.57 2.85 -10.22
C GLU A 142 -9.32 1.61 -9.79
N PRO A 143 -8.62 0.55 -9.36
CA PRO A 143 -9.29 -0.62 -8.79
C PRO A 143 -10.00 -0.26 -7.50
N THR A 144 -11.11 -0.94 -7.24
CA THR A 144 -11.98 -0.62 -6.10
C THR A 144 -12.01 -1.78 -5.10
N TRP A 145 -12.46 -1.46 -3.91
CA TRP A 145 -12.75 -2.46 -2.87
C TRP A 145 -13.78 -3.43 -3.40
N SER A 146 -14.81 -2.94 -4.10
CA SER A 146 -15.90 -3.80 -4.59
C SER A 146 -15.33 -4.87 -5.51
N GLN A 147 -14.38 -4.52 -6.37
CA GLN A 147 -13.76 -5.47 -7.32
C GLN A 147 -12.93 -6.51 -6.53
N TRP A 148 -12.13 -6.05 -5.59
CA TRP A 148 -11.30 -7.00 -4.82
C TRP A 148 -12.19 -7.94 -3.99
N PHE A 149 -13.18 -7.42 -3.29
CA PHE A 149 -14.02 -8.27 -2.43
C PHE A 149 -14.79 -9.27 -3.28
N LYS A 150 -15.21 -8.88 -4.48
CA LYS A 150 -15.90 -9.86 -5.35
C LYS A 150 -14.95 -11.02 -5.65
N SER A 151 -13.70 -10.69 -5.98
CA SER A 151 -12.69 -11.71 -6.29
C SER A 151 -12.38 -12.57 -5.03
N TYR A 152 -12.23 -11.92 -3.88
CA TYR A 152 -11.94 -12.61 -2.60
C TYR A 152 -13.14 -13.50 -2.27
N GLU A 153 -14.36 -13.01 -2.46
CA GLU A 153 -15.58 -13.81 -2.21
C GLU A 153 -15.58 -15.04 -3.10
N SER A 154 -15.17 -14.94 -4.37
CA SER A 154 -15.16 -16.11 -5.28
C SER A 154 -14.18 -17.15 -4.73
N PHE A 155 -13.02 -16.68 -4.28
CA PHE A 155 -11.95 -17.52 -3.70
C PHE A 155 -12.48 -18.23 -2.45
N MET A 156 -12.92 -17.46 -1.48
CA MET A 156 -13.31 -18.01 -0.18
C MET A 156 -14.56 -18.88 -0.33
N LEU A 157 -15.51 -18.52 -1.21
CA LEU A 157 -16.76 -19.31 -1.35
C LEU A 157 -16.46 -20.62 -2.06
N HIS A 158 -15.48 -20.65 -2.95
CA HIS A 158 -15.03 -21.91 -3.58
C HIS A 158 -14.57 -22.90 -2.49
N TYR A 159 -13.77 -22.41 -1.56
CA TYR A 159 -13.19 -23.28 -0.52
C TYR A 159 -14.22 -23.50 0.60
N ALA A 160 -15.13 -22.57 0.87
CA ALA A 160 -16.19 -22.79 1.87
C ALA A 160 -17.06 -23.97 1.40
N LYS A 161 -17.31 -24.04 0.11
CA LYS A 161 -18.17 -25.13 -0.44
C LYS A 161 -17.41 -26.47 -0.32
N LEU A 162 -16.11 -26.47 -0.59
CA LEU A 162 -15.23 -27.66 -0.45
C LEU A 162 -15.21 -28.08 1.01
N ALA A 163 -15.13 -27.10 1.94
CA ALA A 163 -15.11 -27.37 3.38
C ALA A 163 -16.43 -28.04 3.77
N GLU A 164 -17.54 -27.58 3.21
CA GLU A 164 -18.85 -28.19 3.51
C GLU A 164 -18.87 -29.64 2.99
N ASP A 165 -18.51 -29.82 1.73
CA ASP A 165 -18.60 -31.14 1.02
C ASP A 165 -17.74 -32.18 1.76
N THR A 166 -16.60 -31.76 2.33
CA THR A 166 -15.58 -32.67 2.96
C THR A 166 -15.80 -32.81 4.46
N GLY A 167 -16.71 -32.03 5.05
CA GLY A 167 -16.99 -32.05 6.50
C GLY A 167 -15.88 -31.45 7.35
N CYS A 168 -15.17 -30.45 6.84
CA CYS A 168 -14.22 -29.69 7.69
C CYS A 168 -14.96 -29.07 8.86
N GLU A 169 -14.39 -29.24 10.06
CA GLU A 169 -14.98 -28.77 11.33
C GLU A 169 -14.93 -27.24 11.40
N MET A 170 -13.92 -26.63 10.78
CA MET A 170 -13.73 -25.18 10.86
C MET A 170 -13.24 -24.66 9.51
N LEU A 171 -13.60 -23.43 9.20
CA LEU A 171 -13.07 -22.65 8.06
C LEU A 171 -12.50 -21.33 8.61
N CYS A 172 -11.27 -21.02 8.23
CA CYS A 172 -10.64 -19.72 8.54
C CYS A 172 -10.77 -18.79 7.34
N ILE A 173 -11.51 -17.71 7.47
CA ILE A 173 -11.93 -16.89 6.30
C ILE A 173 -10.91 -15.79 5.97
N GLY A 174 -9.79 -15.76 6.68
CA GLY A 174 -8.70 -14.84 6.34
C GLY A 174 -7.62 -14.86 7.36
N CYS A 175 -6.47 -14.31 7.00
CA CYS A 175 -5.24 -14.39 7.80
C CYS A 175 -4.47 -13.07 7.72
N ALA A 176 -4.58 -12.24 8.76
CA ALA A 176 -3.75 -11.04 8.94
C ALA A 176 -4.01 -10.08 7.78
N MET A 177 -5.26 -9.91 7.37
CA MET A 177 -5.64 -9.00 6.25
C MET A 177 -5.83 -7.58 6.81
N VAL A 178 -4.79 -7.07 7.48
CA VAL A 178 -4.86 -5.90 8.40
C VAL A 178 -5.47 -4.71 7.66
N GLN A 179 -4.98 -4.40 6.47
CA GLN A 179 -5.43 -3.18 5.77
C GLN A 179 -6.73 -3.42 4.99
N THR A 180 -7.42 -4.54 5.20
CA THR A 180 -8.80 -4.73 4.76
C THR A 180 -9.78 -4.68 5.95
N GLU A 181 -9.32 -4.80 7.19
CA GLU A 181 -10.23 -5.09 8.32
C GLU A 181 -11.20 -3.93 8.55
N ARG A 182 -10.80 -2.70 8.21
CA ARG A 182 -11.71 -1.53 8.35
C ARG A 182 -12.94 -1.65 7.44
N ARG A 183 -12.91 -2.50 6.40
CA ARG A 183 -14.02 -2.63 5.42
C ARG A 183 -15.08 -3.55 6.04
N GLU A 184 -15.73 -3.05 7.07
CA GLU A 184 -16.59 -3.87 7.95
C GLU A 184 -17.81 -4.35 7.18
N LYS A 185 -18.49 -3.48 6.42
CA LYS A 185 -19.71 -3.92 5.71
C LYS A 185 -19.33 -5.04 4.74
N GLU A 186 -18.19 -4.93 4.07
CA GLU A 186 -17.82 -5.93 3.04
C GLU A 186 -17.41 -7.23 3.75
N TRP A 187 -16.74 -7.18 4.88
CA TRP A 187 -16.41 -8.43 5.62
C TRP A 187 -17.71 -9.10 6.08
N ARG A 188 -18.67 -8.33 6.61
CA ARG A 188 -19.93 -8.91 7.10
C ARG A 188 -20.69 -9.51 5.93
N ASP A 189 -20.70 -8.84 4.78
CA ASP A 189 -21.41 -9.35 3.60
C ASP A 189 -20.78 -10.67 3.16
N LEU A 190 -19.45 -10.74 3.14
CA LEU A 190 -18.74 -11.98 2.76
C LEU A 190 -19.15 -13.09 3.73
N ILE A 191 -19.18 -12.78 5.02
CA ILE A 191 -19.44 -13.83 6.04
C ILE A 191 -20.88 -14.32 5.86
N GLN A 192 -21.81 -13.42 5.55
CA GLN A 192 -23.22 -13.82 5.28
C GLN A 192 -23.28 -14.79 4.11
N LYS A 193 -22.50 -14.55 3.06
CA LYS A 193 -22.45 -15.49 1.91
C LYS A 193 -21.84 -16.82 2.36
N VAL A 194 -20.77 -16.77 3.15
CA VAL A 194 -20.10 -18.03 3.60
C VAL A 194 -21.10 -18.87 4.40
N ARG A 195 -21.85 -18.24 5.32
CA ARG A 195 -22.83 -18.96 6.18
C ARG A 195 -23.84 -19.71 5.32
N GLN A 196 -24.17 -19.21 4.13
CA GLN A 196 -25.19 -19.89 3.29
C GLN A 196 -24.64 -21.17 2.67
N VAL A 197 -23.33 -21.34 2.64
CA VAL A 197 -22.80 -22.56 1.96
C VAL A 197 -21.98 -23.44 2.92
N TYR A 198 -21.64 -22.91 4.08
CA TYR A 198 -20.78 -23.65 5.03
C TYR A 198 -21.42 -23.55 6.39
N SER A 199 -21.68 -24.68 7.01
CA SER A 199 -22.46 -24.77 8.26
C SER A 199 -21.57 -25.10 9.46
N GLY A 200 -20.24 -25.09 9.33
CA GLY A 200 -19.35 -25.41 10.44
C GLY A 200 -18.90 -24.16 11.16
N ILE A 201 -17.82 -24.28 11.92
CA ILE A 201 -17.32 -23.18 12.76
C ILE A 201 -16.57 -22.21 11.84
N ILE A 202 -16.79 -20.91 11.98
CA ILE A 202 -16.02 -19.90 11.21
C ILE A 202 -15.15 -19.12 12.18
N THR A 203 -13.90 -18.92 11.79
CA THR A 203 -12.96 -18.03 12.49
C THR A 203 -12.32 -17.10 11.47
N TYR A 204 -11.82 -15.98 11.96
CA TYR A 204 -10.90 -15.06 11.23
C TYR A 204 -9.64 -14.94 12.06
N ASN A 205 -8.49 -15.01 11.39
CA ASN A 205 -7.17 -15.00 12.07
C ASN A 205 -6.62 -13.58 11.95
N CYS A 206 -6.74 -12.78 13.00
CA CYS A 206 -6.11 -11.43 12.98
C CYS A 206 -4.60 -11.55 13.17
N ASP A 207 -3.87 -10.49 12.82
CA ASP A 207 -2.40 -10.50 13.02
C ASP A 207 -2.02 -10.30 14.49
N LYS A 208 -0.79 -10.61 14.87
CA LYS A 208 -0.21 -10.26 16.17
C LYS A 208 -0.54 -8.80 16.48
N TYR A 209 -0.84 -8.57 17.77
CA TYR A 209 -1.17 -7.29 18.41
C TYR A 209 -2.51 -6.72 17.93
N GLN A 210 -3.27 -7.43 17.10
CA GLN A 210 -4.49 -6.79 16.52
C GLN A 210 -5.79 -7.32 17.14
N GLU A 211 -5.73 -8.05 18.25
CA GLU A 211 -6.91 -8.73 18.81
C GLU A 211 -8.03 -7.74 19.14
N ASP A 212 -7.68 -6.55 19.59
CA ASP A 212 -8.70 -5.56 20.03
C ASP A 212 -9.08 -4.65 18.87
N GLU A 213 -8.56 -4.88 17.66
CA GLU A 213 -8.77 -3.89 16.57
C GLU A 213 -9.83 -4.29 15.54
N VAL A 214 -10.36 -5.49 15.60
CA VAL A 214 -11.36 -5.97 14.63
C VAL A 214 -12.73 -5.66 15.21
N THR A 215 -13.53 -4.85 14.51
CA THR A 215 -14.83 -4.40 15.07
C THR A 215 -15.92 -5.43 14.79
N TRP A 216 -15.66 -6.48 14.00
CA TRP A 216 -16.71 -7.39 13.51
C TRP A 216 -16.50 -8.82 14.05
N TRP A 217 -15.86 -8.97 15.19
CA TRP A 217 -15.67 -10.31 15.82
C TRP A 217 -17.04 -11.00 16.00
N ASP A 218 -18.12 -10.25 16.25
CA ASP A 218 -19.46 -10.85 16.52
C ASP A 218 -19.92 -11.68 15.32
N ALA A 219 -19.40 -11.40 14.13
CA ALA A 219 -19.88 -12.02 12.89
C ALA A 219 -19.25 -13.40 12.70
N VAL A 220 -18.20 -13.72 13.44
CA VAL A 220 -17.58 -15.09 13.35
C VAL A 220 -17.92 -15.87 14.63
N ASP A 221 -17.63 -17.16 14.67
CA ASP A 221 -17.91 -18.01 15.87
C ASP A 221 -16.78 -17.91 16.89
N VAL A 222 -15.52 -17.86 16.45
CA VAL A 222 -14.35 -17.97 17.34
C VAL A 222 -13.38 -16.91 16.91
N MET A 223 -12.86 -16.16 17.88
CA MET A 223 -11.76 -15.22 17.64
C MET A 223 -10.45 -16.03 17.52
N SER A 224 -9.55 -15.58 16.68
CA SER A 224 -8.18 -16.14 16.68
C SER A 224 -7.17 -15.10 16.25
N SER A 225 -5.92 -15.32 16.64
CA SER A 225 -4.81 -14.45 16.27
C SER A 225 -3.55 -15.24 16.00
N SER A 226 -2.53 -14.53 15.53
CA SER A 226 -1.18 -15.07 15.25
C SER A 226 -0.32 -14.78 16.47
N GLY A 227 0.02 -15.84 17.20
CA GLY A 227 0.73 -15.74 18.48
C GLY A 227 2.22 -15.66 18.27
N TYR A 228 2.72 -14.68 17.53
CA TYR A 228 4.17 -14.55 17.28
C TYR A 228 4.76 -13.54 18.27
N TYR A 229 4.46 -13.69 19.55
CA TYR A 229 4.92 -12.74 20.57
C TYR A 229 6.34 -13.11 20.98
N PRO A 230 7.23 -12.10 21.16
CA PRO A 230 8.64 -12.35 21.43
C PRO A 230 8.90 -12.95 22.81
N ILE A 231 9.98 -13.71 22.91
CA ILE A 231 10.48 -14.24 24.20
C ILE A 231 10.54 -13.08 25.19
N GLY A 232 10.03 -13.28 26.40
CA GLY A 232 10.01 -12.25 27.44
C GLY A 232 8.71 -11.47 27.49
N SER A 233 7.77 -11.70 26.56
CA SER A 233 6.52 -10.89 26.46
C SER A 233 5.25 -11.69 26.74
N TRP A 234 5.31 -13.02 26.90
CA TRP A 234 4.09 -13.85 26.94
C TRP A 234 3.25 -13.51 28.16
N GLU A 235 3.85 -13.24 29.32
CA GLU A 235 3.06 -12.94 30.52
C GLU A 235 2.24 -11.66 30.25
N HIS A 236 2.88 -10.66 29.68
CA HIS A 236 2.23 -9.37 29.30
C HIS A 236 1.08 -9.63 28.33
N HIS A 237 1.31 -10.40 27.28
CA HIS A 237 0.26 -10.65 26.26
C HIS A 237 -0.86 -11.49 26.83
N GLU A 238 -0.59 -12.41 27.75
CA GLU A 238 -1.68 -13.21 28.34
C GLU A 238 -2.66 -12.26 29.04
N SER A 239 -2.12 -11.29 29.75
CA SER A 239 -2.94 -10.33 30.52
C SER A 239 -3.71 -9.44 29.55
N ARG A 240 -3.04 -8.92 28.53
CA ARG A 240 -3.67 -8.07 27.47
C ARG A 240 -4.81 -8.84 26.79
N ILE A 241 -4.54 -10.06 26.31
CA ILE A 241 -5.50 -10.83 25.49
C ILE A 241 -6.66 -11.26 26.36
N LYS A 242 -6.40 -11.66 27.60
CA LYS A 242 -7.48 -12.05 28.51
C LYS A 242 -8.57 -10.95 28.57
N LYS A 243 -8.14 -9.71 28.73
CA LYS A 243 -9.09 -8.57 28.88
C LYS A 243 -9.88 -8.39 27.59
N ILE A 244 -9.21 -8.52 26.44
CA ILE A 244 -9.91 -8.36 25.15
C ILE A 244 -10.97 -9.46 25.02
N VAL A 245 -10.58 -10.70 25.25
CA VAL A 245 -11.49 -11.85 25.03
C VAL A 245 -12.66 -11.73 26.02
N GLU A 246 -12.40 -11.32 27.24
CA GLU A 246 -13.51 -11.24 28.23
C GLU A 246 -14.43 -10.06 27.87
N SER A 247 -13.94 -9.00 27.21
CA SER A 247 -14.79 -7.86 26.74
C SER A 247 -15.75 -8.34 25.64
N TRP A 248 -15.32 -9.29 24.80
CA TRP A 248 -16.10 -9.85 23.67
C TRP A 248 -16.98 -11.03 24.11
N GLN A 249 -16.55 -11.82 25.12
CA GLN A 249 -17.29 -13.03 25.57
C GLN A 249 -17.42 -14.02 24.42
N LYS A 250 -16.33 -14.29 23.72
CA LYS A 250 -16.33 -15.29 22.64
C LYS A 250 -15.15 -16.20 22.92
N PRO A 251 -15.17 -17.44 22.39
CA PRO A 251 -13.98 -18.29 22.44
C PRO A 251 -12.85 -17.64 21.63
N PHE A 252 -11.61 -17.94 22.02
CA PHE A 252 -10.37 -17.43 21.43
C PHE A 252 -9.33 -18.53 21.45
N PHE A 253 -8.55 -18.63 20.39
CA PHE A 253 -7.36 -19.49 20.33
C PHE A 253 -6.36 -18.89 19.37
N PHE A 254 -5.14 -19.38 19.39
CA PHE A 254 -4.12 -18.96 18.43
C PHE A 254 -4.29 -19.80 17.16
N MET A 255 -4.57 -19.16 16.02
CA MET A 255 -4.68 -19.84 14.71
C MET A 255 -3.30 -20.04 14.11
N GLU A 256 -2.30 -19.31 14.55
CA GLU A 256 -0.88 -19.56 14.25
C GLU A 256 -0.07 -19.27 15.51
N ALA A 257 1.01 -20.01 15.72
CA ALA A 257 2.03 -19.71 16.74
C ALA A 257 3.23 -20.59 16.39
N GLY A 258 4.41 -20.03 16.46
CA GLY A 258 5.62 -20.80 16.14
C GLY A 258 6.82 -19.89 16.09
N CYS A 259 7.97 -20.48 15.82
CA CYS A 259 9.27 -19.76 15.82
C CYS A 259 10.27 -20.58 15.03
N PRO A 260 11.06 -19.95 14.13
CA PRO A 260 12.06 -20.70 13.40
C PRO A 260 13.17 -21.12 14.39
N SER A 261 13.89 -22.16 14.03
CA SER A 261 15.02 -22.64 14.87
C SER A 261 16.28 -21.88 14.42
N ARG A 262 16.31 -20.56 14.65
CA ARG A 262 17.37 -19.66 14.17
C ARG A 262 17.85 -18.71 15.26
N LEU A 263 19.08 -18.25 15.09
CA LEU A 263 19.68 -17.29 16.04
C LEU A 263 18.75 -16.07 16.18
N GLU A 264 18.40 -15.74 17.41
CA GLU A 264 17.60 -14.54 17.78
C GLU A 264 16.19 -14.53 17.17
N SER A 265 15.70 -15.65 16.64
CA SER A 265 14.33 -15.64 16.06
C SER A 265 13.26 -15.34 17.11
N GLY A 266 13.53 -15.71 18.35
CA GLY A 266 12.61 -15.53 19.48
C GLY A 266 12.27 -14.07 19.70
N SER A 267 13.12 -13.16 19.26
CA SER A 267 12.86 -11.70 19.44
C SER A 267 11.85 -11.23 18.36
N VAL A 268 11.73 -11.96 17.23
CA VAL A 268 10.76 -11.61 16.14
C VAL A 268 10.29 -12.92 15.50
N PRO A 269 9.52 -13.73 16.23
CA PRO A 269 9.16 -15.07 15.76
C PRO A 269 8.38 -15.09 14.43
N ASN A 270 7.73 -13.98 14.05
CA ASN A 270 7.00 -13.89 12.77
C ASN A 270 7.93 -13.69 11.57
N ASP A 271 9.18 -13.26 11.77
CA ASP A 271 10.04 -12.80 10.66
C ASP A 271 10.71 -14.00 10.00
N TRP A 272 10.08 -14.51 8.95
CA TRP A 272 10.51 -15.77 8.29
C TRP A 272 11.77 -15.52 7.46
N ASN A 273 12.23 -14.26 7.35
CA ASN A 273 13.43 -13.93 6.55
C ASN A 273 14.64 -13.65 7.44
N LYS A 274 14.50 -13.77 8.75
CA LYS A 274 15.58 -13.35 9.68
C LYS A 274 16.62 -14.47 9.82
N ASN A 275 17.90 -14.13 9.64
CA ASN A 275 19.06 -15.01 10.00
C ASN A 275 18.90 -16.40 9.35
N ARG A 276 18.60 -16.44 8.05
CA ARG A 276 18.47 -17.72 7.34
C ARG A 276 19.79 -18.47 7.54
N GLY A 277 19.70 -19.77 7.82
CA GLY A 277 20.87 -20.68 7.86
C GLY A 277 21.68 -20.54 9.14
N GLN A 278 21.34 -19.61 10.02
CA GLN A 278 22.01 -19.51 11.33
C GLN A 278 21.18 -20.33 12.34
N ILE A 279 21.56 -21.59 12.53
CA ILE A 279 20.73 -22.58 13.28
C ILE A 279 20.80 -22.27 14.78
N ASP A 280 19.66 -22.35 15.47
CA ASP A 280 19.55 -22.31 16.94
C ASP A 280 18.32 -23.09 17.38
N MET A 281 18.51 -24.36 17.69
CA MET A 281 17.44 -25.28 18.16
C MET A 281 16.91 -24.76 19.48
N ASP A 282 17.80 -24.18 20.30
CA ASP A 282 17.44 -23.75 21.68
C ASP A 282 16.47 -22.58 21.66
N GLU A 283 16.66 -21.66 20.74
CA GLU A 283 15.83 -20.45 20.64
C GLU A 283 14.36 -20.87 20.44
N GLN A 284 14.12 -21.80 19.52
CA GLN A 284 12.75 -22.33 19.22
C GLN A 284 12.19 -22.99 20.48
N ARG A 285 12.96 -23.83 21.16
CA ARG A 285 12.54 -24.55 22.39
C ARG A 285 12.10 -23.55 23.46
N VAL A 286 12.91 -22.51 23.66
CA VAL A 286 12.65 -21.45 24.69
C VAL A 286 11.36 -20.69 24.35
N PHE A 287 11.14 -20.40 23.07
CA PHE A 287 9.87 -19.76 22.64
C PHE A 287 8.71 -20.64 23.12
N TYR A 288 8.74 -21.94 22.77
CA TYR A 288 7.58 -22.82 23.06
C TYR A 288 7.39 -22.94 24.57
N GLU A 289 8.49 -23.06 25.30
CA GLU A 289 8.37 -23.26 26.77
C GLU A 289 7.69 -22.04 27.39
N GLU A 290 8.03 -20.85 26.92
CA GLU A 290 7.47 -19.61 27.51
C GLU A 290 5.98 -19.49 27.14
N MET A 291 5.66 -19.76 25.88
CA MET A 291 4.26 -19.68 25.38
C MET A 291 3.38 -20.62 26.20
N PHE A 292 3.80 -21.86 26.42
CA PHE A 292 2.99 -22.84 27.16
C PHE A 292 2.94 -22.54 28.68
N LYS A 293 3.94 -21.86 29.20
CA LYS A 293 3.97 -21.43 30.62
C LYS A 293 2.80 -20.49 30.89
N PHE A 294 2.47 -19.60 29.95
CA PHE A 294 1.49 -18.52 30.21
C PHE A 294 0.14 -18.81 29.58
N PHE A 295 0.10 -19.55 28.46
CA PHE A 295 -1.16 -19.95 27.83
C PHE A 295 -1.33 -21.45 27.94
N HIS A 296 -2.35 -21.90 28.65
CA HIS A 296 -2.55 -23.35 28.87
C HIS A 296 -4.03 -23.64 29.05
N GLY A 297 -4.53 -23.71 30.26
CA GLY A 297 -5.87 -24.24 30.57
C GLY A 297 -6.90 -23.17 30.88
N GLN A 298 -6.59 -21.87 30.76
CA GLN A 298 -7.58 -20.79 31.06
C GLN A 298 -8.91 -21.12 30.39
N LYS A 299 -10.02 -20.94 31.07
CA LYS A 299 -11.33 -21.42 30.55
C LYS A 299 -11.78 -20.58 29.32
N TRP A 300 -11.21 -19.38 29.11
CA TRP A 300 -11.56 -18.46 27.99
C TRP A 300 -10.67 -18.75 26.77
N PHE A 301 -9.72 -19.68 26.92
CA PHE A 301 -8.68 -19.96 25.92
C PHE A 301 -8.90 -21.36 25.36
N TYR A 302 -8.81 -21.52 24.04
CA TYR A 302 -9.14 -22.78 23.36
C TYR A 302 -7.98 -23.34 22.52
N GLY A 303 -6.75 -22.94 22.82
CA GLY A 303 -5.51 -23.67 22.46
C GLY A 303 -4.80 -23.10 21.25
N PHE A 304 -4.13 -23.98 20.53
CA PHE A 304 -3.01 -23.61 19.65
C PHE A 304 -3.13 -24.39 18.36
N MET A 305 -3.07 -23.65 17.26
CA MET A 305 -2.79 -24.19 15.92
C MET A 305 -1.39 -23.73 15.57
N LEU A 306 -0.43 -24.63 15.69
CA LEU A 306 1.00 -24.24 15.50
C LEU A 306 1.38 -24.06 14.03
N TRP A 307 2.48 -23.34 13.82
CA TRP A 307 3.05 -23.07 12.48
C TRP A 307 4.51 -23.55 12.46
N ASP A 308 4.89 -24.39 11.50
CA ASP A 308 4.01 -25.16 10.59
C ASP A 308 4.71 -26.46 10.24
N TRP A 309 4.11 -27.24 9.35
CA TRP A 309 4.65 -28.54 8.96
C TRP A 309 4.49 -28.70 7.45
N PRO A 310 5.58 -28.95 6.75
CA PRO A 310 5.51 -29.02 5.30
C PRO A 310 5.02 -30.33 4.70
N ALA A 311 4.44 -30.27 3.52
CA ALA A 311 4.03 -31.46 2.82
C ALA A 311 5.21 -32.40 2.55
N LYS A 312 6.36 -31.83 2.19
CA LYS A 312 7.57 -32.61 1.96
C LYS A 312 8.48 -32.35 3.15
N LEU A 313 8.62 -33.37 3.96
CA LEU A 313 9.30 -33.29 5.27
C LEU A 313 10.74 -33.70 5.07
N TYR A 314 11.67 -32.91 5.56
CA TYR A 314 13.11 -33.25 5.59
C TYR A 314 13.32 -34.55 6.38
N ARG A 315 14.47 -35.17 6.09
CA ARG A 315 14.90 -36.40 6.79
C ARG A 315 15.28 -36.07 8.23
N LEU A 316 14.98 -36.96 9.16
CA LEU A 316 15.30 -36.72 10.58
C LEU A 316 16.80 -36.40 10.73
N GLU A 317 17.64 -37.08 9.95
CA GLU A 317 19.10 -36.86 10.05
C GLU A 317 19.50 -35.43 9.71
N ASP A 318 18.61 -34.69 9.05
CA ASP A 318 18.92 -33.35 8.53
C ASP A 318 18.31 -32.26 9.43
N ALA A 319 17.58 -32.65 10.47
CA ALA A 319 16.79 -31.73 11.32
C ALA A 319 17.73 -30.73 11.98
N SER A 320 18.90 -31.20 12.45
CA SER A 320 19.88 -30.40 13.20
C SER A 320 20.39 -29.25 12.33
N GLU A 321 20.22 -29.30 11.02
CA GLU A 321 20.72 -28.26 10.10
C GLU A 321 19.55 -27.50 9.48
N ASN A 322 18.31 -27.73 9.94
CA ASN A 322 17.11 -27.14 9.29
C ASN A 322 16.75 -25.84 10.04
N ASP A 323 16.42 -24.75 9.32
CA ASP A 323 16.19 -23.41 9.93
C ASP A 323 14.70 -23.03 9.87
N ASP A 324 13.83 -23.98 9.59
CA ASP A 324 12.39 -23.68 9.34
C ASP A 324 11.63 -23.53 10.66
N TYR A 325 10.36 -23.10 10.58
CA TYR A 325 9.40 -23.20 11.71
C TYR A 325 9.20 -24.64 12.17
N CYS A 326 9.30 -25.61 11.26
CA CYS A 326 9.02 -27.04 11.59
C CYS A 326 9.80 -27.47 12.85
N VAL A 327 9.16 -28.24 13.71
CA VAL A 327 9.76 -28.76 14.96
C VAL A 327 10.23 -30.21 14.80
N TYR A 328 9.98 -30.83 13.66
CA TYR A 328 10.34 -32.26 13.47
C TYR A 328 11.84 -32.46 13.72
N GLY A 329 12.18 -33.41 14.58
CA GLY A 329 13.58 -33.73 14.86
C GLY A 329 14.28 -32.71 15.72
N LYS A 330 13.53 -31.79 16.30
CA LYS A 330 14.12 -30.70 17.12
C LYS A 330 13.63 -30.81 18.56
N PRO A 331 14.33 -30.15 19.50
CA PRO A 331 13.95 -30.19 20.91
C PRO A 331 12.56 -29.61 21.19
N ALA A 332 12.14 -28.60 20.42
CA ALA A 332 10.79 -28.01 20.61
C ALA A 332 9.72 -29.09 20.41
N ALA A 333 9.93 -30.08 19.56
CA ALA A 333 8.89 -31.12 19.33
C ALA A 333 8.56 -31.82 20.65
N GLU A 334 9.58 -32.04 21.48
CA GLU A 334 9.39 -32.75 22.76
C GLU A 334 8.64 -31.87 23.77
N VAL A 335 8.87 -30.56 23.73
CA VAL A 335 8.10 -29.60 24.56
C VAL A 335 6.63 -29.65 24.14
N ILE A 336 6.37 -29.63 22.85
CA ILE A 336 4.98 -29.70 22.32
C ILE A 336 4.31 -31.02 22.73
N LYS A 337 4.97 -32.15 22.48
CA LYS A 337 4.39 -33.48 22.79
C LYS A 337 4.07 -33.55 24.30
N SER A 338 4.99 -33.11 25.16
CA SER A 338 4.79 -33.21 26.62
C SER A 338 3.69 -32.25 27.04
N PHE A 339 3.50 -31.13 26.35
CA PHE A 339 2.38 -30.22 26.66
C PHE A 339 1.06 -30.83 26.19
N PHE A 340 1.01 -31.29 24.95
CA PHE A 340 -0.26 -31.82 24.39
C PHE A 340 -0.70 -33.13 25.07
N THR A 341 0.20 -33.88 25.68
CA THR A 341 -0.24 -35.16 26.32
C THR A 341 -0.35 -34.98 27.84
N SER A 342 -0.19 -33.75 28.34
CA SER A 342 -0.17 -33.44 29.79
C SER A 342 -1.54 -33.17 30.42
N ASN A 343 -1.50 -33.11 31.76
CA ASN A 343 -2.54 -32.86 32.81
C ASN A 343 -3.21 -31.51 32.59
N LYS A 344 -2.48 -30.55 32.04
CA LYS A 344 -3.05 -29.19 31.86
C LYS A 344 -3.43 -28.99 30.40
N HIS B 9 -0.67 35.07 12.25
CA HIS B 9 -0.36 33.64 11.96
C HIS B 9 -0.43 33.36 10.47
N HIS B 10 -1.18 32.32 10.05
CA HIS B 10 -1.29 31.94 8.59
C HIS B 10 -2.72 31.72 8.08
N SER B 11 -3.70 31.35 8.91
CA SER B 11 -5.05 31.05 8.35
C SER B 11 -5.64 32.22 7.57
N SER B 12 -6.29 31.90 6.46
CA SER B 12 -6.82 32.90 5.49
C SER B 12 -7.79 32.20 4.54
N GLY B 13 -8.45 32.97 3.69
CA GLY B 13 -9.44 32.44 2.72
C GLY B 13 -8.98 32.57 1.29
N LEU B 14 -9.70 33.37 0.49
CA LEU B 14 -9.48 33.57 -0.97
C LEU B 14 -8.07 34.10 -1.26
N VAL B 15 -7.51 34.89 -0.36
CA VAL B 15 -6.14 35.43 -0.60
C VAL B 15 -5.21 35.03 0.54
N PRO B 16 -4.00 34.46 0.27
CA PRO B 16 -3.05 34.17 1.32
C PRO B 16 -2.63 35.46 2.05
N ARG B 17 -2.25 35.35 3.33
CA ARG B 17 -1.83 36.57 4.09
C ARG B 17 -0.68 37.29 3.36
N GLY B 18 -0.75 38.62 3.33
CA GLY B 18 0.22 39.50 2.65
C GLY B 18 1.67 39.11 2.85
N SER B 19 2.04 38.63 4.04
CA SER B 19 3.44 38.24 4.37
C SER B 19 3.95 37.03 3.55
N HIS B 20 3.03 36.22 3.01
CA HIS B 20 3.41 35.03 2.19
C HIS B 20 3.50 35.42 0.72
N MET B 21 3.13 36.65 0.37
CA MET B 21 3.21 36.98 -1.07
C MET B 21 4.16 38.14 -1.34
N MET B 35 -3.70 36.71 -5.16
CA MET B 35 -3.18 35.42 -5.67
C MET B 35 -3.08 35.52 -7.19
N ASP B 36 -1.91 35.21 -7.73
CA ASP B 36 -1.62 35.27 -9.17
C ASP B 36 -2.42 34.21 -9.93
N TYR B 37 -2.78 34.51 -11.17
CA TYR B 37 -3.38 33.49 -12.06
C TYR B 37 -2.17 32.78 -12.68
N ILE B 38 -2.10 31.47 -12.48
CA ILE B 38 -0.91 30.69 -12.93
C ILE B 38 -1.07 30.19 -14.37
N LYS B 39 -0.10 30.55 -15.20
CA LYS B 39 0.05 30.05 -16.58
C LYS B 39 1.38 29.31 -16.53
N GLY B 40 1.31 28.02 -16.27
CA GLY B 40 2.52 27.29 -15.93
C GLY B 40 2.79 26.08 -16.78
N MET B 41 4.06 25.69 -16.80
CA MET B 41 4.49 24.36 -17.26
C MET B 41 5.48 23.77 -16.26
N THR B 42 5.30 22.49 -15.96
CA THR B 42 6.24 21.73 -15.09
C THR B 42 7.50 21.42 -15.89
N TRP B 43 8.65 21.60 -15.27
CA TRP B 43 9.97 21.39 -15.90
C TRP B 43 10.81 20.43 -15.08
N GLY B 44 11.57 19.57 -15.76
CA GLY B 44 12.65 18.79 -15.13
C GLY B 44 12.37 17.37 -14.70
N TRP B 45 11.11 16.99 -14.69
CA TRP B 45 10.73 15.62 -14.25
C TRP B 45 11.42 14.58 -15.14
N ILE B 46 12.03 13.56 -14.56
CA ILE B 46 11.84 13.05 -13.18
C ILE B 46 12.90 13.61 -12.21
N GLY B 47 13.84 14.41 -12.69
CA GLY B 47 14.88 14.97 -11.82
C GLY B 47 16.13 14.10 -11.82
N ASN B 48 16.88 14.19 -12.89
CA ASN B 48 18.12 13.41 -13.11
C ASN B 48 19.26 14.42 -13.19
N SER B 49 20.20 14.37 -12.26
CA SER B 49 21.32 15.32 -12.16
C SER B 49 21.99 15.49 -13.53
N GLU B 50 22.31 14.38 -14.20
CA GLU B 50 23.07 14.39 -15.48
C GLU B 50 22.26 15.19 -16.52
N ASP B 51 20.95 15.00 -16.57
CA ASP B 51 20.09 15.77 -17.49
C ASP B 51 20.12 17.26 -17.12
N TRP B 52 19.99 17.61 -15.85
CA TRP B 52 19.82 19.03 -15.48
C TRP B 52 21.15 19.78 -15.64
N ARG B 53 22.28 19.08 -15.51
CA ARG B 53 23.62 19.73 -15.59
C ARG B 53 24.04 19.93 -17.07
N SER B 54 23.43 19.20 -18.00
CA SER B 54 23.75 19.31 -19.45
C SER B 54 23.42 20.71 -20.00
N ASN B 55 24.13 21.12 -21.05
CA ASN B 55 23.80 22.32 -21.88
C ASN B 55 22.36 22.29 -22.36
N GLU B 56 21.88 21.11 -22.72
CA GLU B 56 20.55 20.90 -23.32
C GLU B 56 19.49 21.42 -22.35
N ALA B 57 19.75 21.40 -21.05
CA ALA B 57 18.73 21.80 -20.04
C ALA B 57 18.42 23.27 -20.25
N GLU B 58 19.46 24.05 -20.57
CA GLU B 58 19.30 25.50 -20.79
C GLU B 58 18.40 25.75 -21.99
N ARG B 59 18.61 25.05 -23.09
CA ARG B 59 17.85 25.22 -24.34
C ARG B 59 16.41 24.78 -24.09
N SER B 60 16.25 23.73 -23.30
CA SER B 60 14.92 23.18 -22.96
C SER B 60 14.08 24.23 -22.23
N MET B 61 14.65 24.83 -21.18
CA MET B 61 13.90 25.79 -20.36
C MET B 61 13.61 27.05 -21.18
N GLU B 62 14.55 27.50 -22.04
CA GLU B 62 14.29 28.68 -22.89
C GLU B 62 13.13 28.39 -23.84
N GLU B 63 13.13 27.22 -24.48
CA GLU B 63 12.08 26.85 -25.43
C GLU B 63 10.71 26.83 -24.73
N MET B 64 10.70 26.35 -23.51
CA MET B 64 9.43 26.27 -22.73
C MET B 64 8.78 27.65 -22.62
N THR B 65 9.56 28.73 -22.54
CA THR B 65 9.01 30.09 -22.37
C THR B 65 8.16 30.51 -23.57
N ASN B 66 8.30 29.86 -24.72
CA ASN B 66 7.48 30.22 -25.92
C ASN B 66 6.01 29.78 -25.74
N LEU B 67 5.69 29.07 -24.65
CA LEU B 67 4.26 28.76 -24.35
C LEU B 67 3.57 29.96 -23.75
N ALA B 68 4.28 31.06 -23.46
CA ALA B 68 3.73 32.31 -22.87
C ALA B 68 3.28 32.01 -21.42
N ILE B 69 4.00 31.09 -20.78
CA ILE B 69 3.88 30.82 -19.33
C ILE B 69 4.47 32.00 -18.51
N ASN B 70 3.97 32.18 -17.29
CA ASN B 70 4.59 33.10 -16.32
C ASN B 70 5.07 32.35 -15.05
N TRP B 71 4.86 31.03 -14.97
CA TRP B 71 5.29 30.16 -13.85
C TRP B 71 5.87 28.89 -14.39
N THR B 72 6.73 28.26 -13.62
CA THR B 72 7.14 26.89 -13.83
C THR B 72 7.21 26.19 -12.48
N ALA B 73 6.85 24.92 -12.50
CA ALA B 73 7.05 24.04 -11.33
C ALA B 73 8.31 23.25 -11.61
N ILE B 74 9.30 23.43 -10.77
CA ILE B 74 10.58 22.68 -10.85
C ILE B 74 10.38 21.37 -10.09
N ALA B 75 10.23 20.27 -10.80
CA ALA B 75 9.75 19.00 -10.21
C ALA B 75 10.86 17.97 -10.27
N PHE B 76 11.01 17.22 -9.20
CA PHE B 76 12.09 16.21 -9.15
C PHE B 76 11.76 15.20 -8.07
N GLN B 77 12.39 14.05 -8.14
CA GLN B 77 12.04 12.97 -7.21
C GLN B 77 13.03 12.75 -6.07
N GLY B 78 12.44 12.29 -4.98
CA GLY B 78 13.10 11.62 -3.86
C GLY B 78 12.66 10.14 -3.92
N LEU B 79 13.32 9.25 -3.19
CA LEU B 79 12.95 7.83 -3.36
C LEU B 79 12.87 7.07 -2.04
N GLN B 80 11.86 6.22 -1.93
CA GLN B 80 11.80 5.19 -0.87
C GLN B 80 11.75 3.83 -1.56
N GLU B 81 12.12 2.76 -0.85
CA GLU B 81 12.30 1.43 -1.47
C GLU B 81 10.95 0.84 -1.88
N THR B 82 10.00 0.78 -0.94
CA THR B 82 8.67 0.18 -1.15
C THR B 82 7.62 1.18 -0.67
N ALA B 83 6.35 0.87 -0.93
CA ALA B 83 5.23 1.69 -0.47
C ALA B 83 5.08 1.62 1.07
N HIS B 84 5.73 0.67 1.73
CA HIS B 84 5.57 0.47 3.18
C HIS B 84 6.95 0.56 3.87
N SER B 85 7.92 1.26 3.29
CA SER B 85 9.19 1.52 4.01
C SER B 85 9.29 2.97 4.41
N PRO B 86 9.87 3.22 5.58
CA PRO B 86 9.87 4.56 6.15
C PRO B 86 10.96 5.52 5.69
N ASP B 87 11.98 5.06 4.97
CA ASP B 87 13.18 5.91 4.69
C ASP B 87 13.15 6.49 3.27
N ILE B 88 13.22 7.81 3.17
CA ILE B 88 13.25 8.52 1.86
C ILE B 88 14.67 9.05 1.65
N THR B 89 15.25 8.73 0.51
CA THR B 89 16.58 9.22 0.10
C THR B 89 16.37 10.37 -0.88
N PHE B 90 17.22 11.38 -0.83
CA PHE B 90 17.12 12.52 -1.75
C PHE B 90 18.53 13.08 -1.99
N ALA B 91 18.71 13.78 -3.09
CA ALA B 91 19.97 14.52 -3.40
C ALA B 91 21.16 13.55 -3.36
N GLU B 92 20.97 12.35 -3.84
CA GLU B 92 22.06 11.35 -4.03
C GLU B 92 21.91 10.83 -5.46
N PRO B 93 22.99 10.44 -6.17
CA PRO B 93 22.86 9.95 -7.53
C PRO B 93 21.83 8.83 -7.70
N PRO B 94 20.96 8.88 -8.71
CA PRO B 94 21.08 9.84 -9.81
C PRO B 94 20.20 11.09 -9.67
N MET B 95 19.69 11.33 -8.46
CA MET B 95 18.79 12.46 -8.17
C MET B 95 19.50 13.82 -8.25
N VAL B 96 18.70 14.88 -8.31
CA VAL B 96 19.28 16.24 -8.52
C VAL B 96 20.10 16.62 -7.29
N THR B 97 21.24 17.28 -7.52
CA THR B 97 22.00 17.93 -6.46
C THR B 97 21.34 19.26 -6.08
N ASP B 98 21.64 19.72 -4.88
CA ASP B 98 21.20 21.06 -4.42
C ASP B 98 21.67 22.11 -5.44
N GLU B 99 22.88 22.01 -5.98
CA GLU B 99 23.35 22.96 -7.01
C GLU B 99 22.45 22.89 -8.27
N ASN B 100 22.09 21.69 -8.73
CA ASN B 100 21.19 21.52 -9.91
C ASN B 100 19.88 22.25 -9.61
N VAL B 101 19.39 22.14 -8.38
CA VAL B 101 18.09 22.78 -8.02
C VAL B 101 18.23 24.30 -7.97
N ARG B 102 19.32 24.81 -7.39
CA ARG B 102 19.55 26.27 -7.38
C ARG B 102 19.68 26.75 -8.81
N TRP B 103 20.36 25.99 -9.69
CA TRP B 103 20.54 26.34 -11.11
C TRP B 103 19.18 26.50 -11.78
N ALA B 104 18.32 25.50 -11.63
CA ALA B 104 17.00 25.48 -12.31
C ALA B 104 16.15 26.65 -11.84
N ILE B 105 16.12 26.92 -10.54
CA ILE B 105 15.33 28.04 -9.98
C ILE B 105 15.84 29.39 -10.53
N ALA B 106 17.16 29.60 -10.50
CA ALA B 106 17.76 30.87 -10.94
C ALA B 106 17.58 31.02 -12.46
N LYS B 107 17.73 29.94 -13.20
CA LYS B 107 17.52 30.03 -14.65
C LYS B 107 16.06 30.43 -14.93
N ALA B 108 15.10 29.75 -14.31
CA ALA B 108 13.68 30.09 -14.49
C ALA B 108 13.48 31.56 -14.19
N LYS B 109 13.98 32.02 -13.05
CA LYS B 109 13.74 33.41 -12.63
C LYS B 109 14.42 34.37 -13.63
N SER B 110 15.59 33.99 -14.13
CA SER B 110 16.31 34.78 -15.18
C SER B 110 15.47 34.89 -16.46
N LEU B 111 14.53 33.97 -16.71
CA LEU B 111 13.67 33.96 -17.90
C LEU B 111 12.35 34.69 -17.56
N GLY B 112 12.21 35.25 -16.38
CA GLY B 112 11.02 36.03 -15.98
C GLY B 112 9.92 35.18 -15.36
N LEU B 113 10.19 33.94 -14.96
CA LEU B 113 9.17 33.02 -14.40
C LEU B 113 9.14 33.10 -12.88
N SER B 114 7.94 33.01 -12.31
CA SER B 114 7.75 32.62 -10.90
C SER B 114 7.89 31.10 -10.79
N VAL B 115 8.31 30.63 -9.61
CA VAL B 115 8.70 29.21 -9.41
C VAL B 115 7.86 28.57 -8.30
N ILE B 116 7.30 27.41 -8.63
CA ILE B 116 6.81 26.42 -7.63
C ILE B 116 7.91 25.38 -7.49
N LEU B 117 8.42 25.18 -6.29
CA LEU B 117 9.33 24.03 -6.06
C LEU B 117 8.47 22.80 -5.74
N LYS B 118 8.69 21.70 -6.43
CA LYS B 118 7.84 20.49 -6.28
C LYS B 118 8.67 19.23 -6.06
N PRO B 119 9.11 18.97 -4.82
CA PRO B 119 9.78 17.71 -4.49
C PRO B 119 8.71 16.61 -4.40
N ILE B 120 8.90 15.51 -5.10
CA ILE B 120 7.91 14.41 -5.17
C ILE B 120 8.59 13.10 -4.76
N VAL B 121 8.05 12.39 -3.79
CA VAL B 121 8.60 11.05 -3.45
C VAL B 121 8.05 10.02 -4.41
N ASN B 122 8.95 9.20 -4.95
CA ASN B 122 8.61 8.00 -5.74
C ASN B 122 9.11 6.76 -5.00
N VAL B 123 8.66 5.61 -5.49
CA VAL B 123 8.95 4.30 -4.87
C VAL B 123 9.82 3.52 -5.85
N ARG B 124 10.96 3.03 -5.38
CA ARG B 124 11.94 2.37 -6.27
C ARG B 124 11.32 1.15 -6.95
N ASP B 125 10.41 0.44 -6.30
CA ASP B 125 9.83 -0.79 -6.87
C ASP B 125 8.74 -0.46 -7.91
N GLY B 126 8.42 0.82 -8.10
CA GLY B 126 7.53 1.28 -9.17
C GLY B 126 6.09 1.45 -8.71
N THR B 127 5.80 1.16 -7.44
CA THR B 127 4.45 1.36 -6.90
C THR B 127 4.14 2.87 -6.93
N TRP B 128 2.95 3.21 -7.38
CA TRP B 128 2.45 4.60 -7.39
C TRP B 128 2.46 5.14 -5.96
N ARG B 129 3.01 6.32 -5.74
CA ARG B 129 3.16 6.89 -4.38
C ARG B 129 1.82 7.03 -3.65
N ALA B 130 0.69 7.07 -4.35
CA ALA B 130 -0.64 7.15 -3.77
C ALA B 130 -0.92 5.93 -2.86
N HIS B 131 -0.15 4.85 -3.00
CA HIS B 131 -0.35 3.65 -2.13
C HIS B 131 0.60 3.65 -0.93
N ILE B 132 1.47 4.65 -0.77
CA ILE B 132 2.35 4.70 0.43
C ILE B 132 1.45 4.74 1.67
N ASN B 133 1.72 3.83 2.60
CA ASN B 133 0.73 3.55 3.67
C ASN B 133 1.36 2.68 4.76
N PHE B 134 0.87 2.88 5.98
CA PHE B 134 1.32 2.12 7.15
C PHE B 134 0.10 1.73 7.95
N PHE B 135 0.27 0.76 8.84
CA PHE B 135 -0.83 0.39 9.76
C PHE B 135 -1.25 1.60 10.59
N ASP B 136 -2.53 1.71 10.88
CA ASP B 136 -3.09 2.75 11.79
C ASP B 136 -2.58 2.50 13.21
N LYS B 137 -2.41 1.22 13.57
CA LYS B 137 -1.92 0.82 14.92
C LYS B 137 -0.41 0.69 14.86
N ASP B 138 0.31 1.40 15.73
CA ASP B 138 1.74 1.14 15.92
C ASP B 138 1.92 -0.28 16.46
N VAL B 139 2.72 -1.05 15.74
CA VAL B 139 3.05 -2.45 16.12
C VAL B 139 4.56 -2.57 16.25
N PRO B 140 5.11 -3.24 17.29
CA PRO B 140 6.53 -3.22 17.56
C PRO B 140 7.45 -3.65 16.43
N CYS B 141 7.07 -4.66 15.68
CA CYS B 141 8.02 -5.21 14.68
C CYS B 141 7.69 -4.62 13.29
N GLU B 142 6.95 -3.50 13.22
CA GLU B 142 6.49 -3.01 11.89
C GLU B 142 6.92 -1.55 11.74
N PRO B 143 7.17 -1.08 10.51
CA PRO B 143 7.34 0.37 10.31
C PRO B 143 6.10 1.17 10.72
N THR B 144 6.30 2.39 11.18
CA THR B 144 5.20 3.22 11.72
C THR B 144 5.05 4.51 10.91
N TRP B 145 3.89 5.11 11.05
CA TRP B 145 3.63 6.45 10.48
C TRP B 145 4.66 7.43 11.02
N SER B 146 4.95 7.33 12.30
CA SER B 146 5.89 8.28 12.94
C SER B 146 7.25 8.24 12.23
N GLN B 147 7.72 7.04 11.92
CA GLN B 147 9.03 6.88 11.26
C GLN B 147 8.95 7.44 9.82
N TRP B 148 7.87 7.15 9.11
CA TRP B 148 7.77 7.67 7.72
C TRP B 148 7.66 9.19 7.72
N PHE B 149 6.82 9.78 8.58
CA PHE B 149 6.63 11.23 8.62
C PHE B 149 7.93 11.94 9.02
N LYS B 150 8.74 11.31 9.88
CA LYS B 150 10.03 11.94 10.26
C LYS B 150 10.91 12.00 9.01
N SER B 151 10.95 10.93 8.23
CA SER B 151 11.76 10.85 7.01
C SER B 151 11.21 11.87 5.98
N TYR B 152 9.87 11.92 5.84
CA TYR B 152 9.23 12.82 4.85
C TYR B 152 9.50 14.28 5.26
N GLU B 153 9.45 14.55 6.58
CA GLU B 153 9.75 15.90 7.13
C GLU B 153 11.18 16.29 6.79
N SER B 154 12.15 15.38 6.93
CA SER B 154 13.56 15.68 6.60
C SER B 154 13.66 16.07 5.11
N PHE B 155 13.03 15.29 4.23
CA PHE B 155 13.00 15.53 2.77
C PHE B 155 12.37 16.90 2.49
N MET B 156 11.15 17.13 2.97
CA MET B 156 10.40 18.33 2.59
C MET B 156 11.04 19.57 3.25
N LEU B 157 11.60 19.45 4.46
CA LEU B 157 12.21 20.60 5.14
C LEU B 157 13.53 20.96 4.48
N HIS B 158 14.24 19.99 3.91
CA HIS B 158 15.48 20.25 3.17
C HIS B 158 15.15 21.15 1.96
N TYR B 159 14.07 20.83 1.26
CA TYR B 159 13.69 21.59 0.04
C TYR B 159 12.96 22.87 0.40
N ALA B 160 12.22 22.93 1.51
CA ALA B 160 11.58 24.16 2.00
C ALA B 160 12.68 25.20 2.30
N LYS B 161 13.79 24.78 2.87
CA LYS B 161 14.91 25.69 3.20
C LYS B 161 15.55 26.16 1.87
N LEU B 162 15.72 25.26 0.89
CA LEU B 162 16.25 25.67 -0.45
C LEU B 162 15.28 26.66 -1.10
N ALA B 163 13.98 26.39 -1.03
CA ALA B 163 12.95 27.28 -1.60
C ALA B 163 13.09 28.67 -0.97
N GLU B 164 13.29 28.75 0.34
CA GLU B 164 13.42 30.04 1.04
C GLU B 164 14.69 30.76 0.55
N ASP B 165 15.79 30.05 0.47
CA ASP B 165 17.13 30.63 0.16
C ASP B 165 17.11 31.18 -1.26
N THR B 166 16.37 30.51 -2.17
CA THR B 166 16.35 30.85 -3.62
C THR B 166 15.21 31.80 -3.98
N GLY B 167 14.28 32.09 -3.06
CA GLY B 167 13.15 32.98 -3.33
C GLY B 167 12.03 32.34 -4.15
N CYS B 168 11.83 31.04 -4.05
CA CYS B 168 10.69 30.40 -4.74
C CYS B 168 9.38 30.96 -4.19
N GLU B 169 8.51 31.37 -5.10
CA GLU B 169 7.21 32.00 -4.74
C GLU B 169 6.30 30.98 -4.08
N MET B 170 6.40 29.71 -4.46
CA MET B 170 5.49 28.67 -3.94
C MET B 170 6.30 27.40 -3.67
N LEU B 171 5.86 26.63 -2.68
CA LEU B 171 6.34 25.26 -2.37
C LEU B 171 5.13 24.32 -2.39
N CYS B 172 5.22 23.25 -3.13
CA CYS B 172 4.18 22.18 -3.11
C CYS B 172 4.62 21.07 -2.17
N ILE B 173 3.91 20.83 -1.07
CA ILE B 173 4.42 19.96 0.02
C ILE B 173 4.05 18.50 -0.19
N GLY B 174 3.41 18.18 -1.31
CA GLY B 174 3.15 16.77 -1.65
C GLY B 174 2.29 16.66 -2.88
N CYS B 175 2.22 15.46 -3.43
CA CYS B 175 1.58 15.19 -4.72
C CYS B 175 0.89 13.82 -4.69
N ALA B 176 -0.42 13.84 -4.56
CA ALA B 176 -1.31 12.66 -4.71
C ALA B 176 -0.90 11.58 -3.71
N MET B 177 -0.60 11.98 -2.48
CA MET B 177 -0.20 11.04 -1.38
C MET B 177 -1.47 10.50 -0.72
N VAL B 178 -2.33 9.89 -1.53
CA VAL B 178 -3.76 9.61 -1.17
C VAL B 178 -3.83 8.84 0.14
N GLN B 179 -3.07 7.76 0.27
CA GLN B 179 -3.17 6.85 1.43
C GLN B 179 -2.41 7.41 2.63
N THR B 180 -1.86 8.64 2.57
CA THR B 180 -1.35 9.35 3.76
C THR B 180 -2.33 10.45 4.21
N GLU B 181 -3.29 10.87 3.37
CA GLU B 181 -4.01 12.13 3.62
C GLU B 181 -4.85 12.01 4.91
N ARG B 182 -5.27 10.80 5.28
CA ARG B 182 -6.06 10.60 6.51
C ARG B 182 -5.23 10.96 7.76
N ARG B 183 -3.90 11.03 7.66
CA ARG B 183 -3.04 11.27 8.83
C ARG B 183 -3.03 12.78 9.11
N GLU B 184 -4.16 13.32 9.51
CA GLU B 184 -4.40 14.78 9.53
C GLU B 184 -3.48 15.45 10.56
N LYS B 185 -3.34 14.93 11.77
CA LYS B 185 -2.45 15.60 12.77
C LYS B 185 -1.02 15.64 12.23
N GLU B 186 -0.56 14.56 11.61
CA GLU B 186 0.83 14.49 11.09
C GLU B 186 1.02 15.49 9.93
N TRP B 187 0.06 15.62 9.04
CA TRP B 187 0.16 16.63 7.94
C TRP B 187 0.18 18.03 8.56
N ARG B 188 -0.68 18.30 9.55
CA ARG B 188 -0.73 19.65 10.15
C ARG B 188 0.62 19.93 10.80
N ASP B 189 1.18 18.96 11.49
CA ASP B 189 2.45 19.12 12.22
C ASP B 189 3.56 19.40 11.19
N LEU B 190 3.56 18.67 10.08
CA LEU B 190 4.60 18.86 9.04
C LEU B 190 4.48 20.31 8.52
N ILE B 191 3.26 20.77 8.29
CA ILE B 191 3.04 22.10 7.68
C ILE B 191 3.56 23.15 8.68
N GLN B 192 3.25 23.00 9.97
CA GLN B 192 3.75 23.95 11.01
C GLN B 192 5.28 24.03 10.95
N LYS B 193 6.00 22.91 10.78
CA LYS B 193 7.47 22.89 10.64
C LYS B 193 7.88 23.63 9.35
N VAL B 194 7.16 23.38 8.26
CA VAL B 194 7.50 24.04 6.96
C VAL B 194 7.36 25.56 7.10
N ARG B 195 6.31 26.02 7.75
CA ARG B 195 6.06 27.45 7.96
C ARG B 195 7.24 28.09 8.67
N GLN B 196 7.97 27.35 9.52
CA GLN B 196 9.05 27.97 10.33
C GLN B 196 10.28 28.23 9.44
N VAL B 197 10.38 27.58 8.29
CA VAL B 197 11.61 27.70 7.47
C VAL B 197 11.28 28.31 6.10
N TYR B 198 10.02 28.36 5.72
CA TYR B 198 9.63 28.83 4.36
C TYR B 198 8.47 29.81 4.50
N SER B 199 8.64 31.03 3.99
CA SER B 199 7.69 32.13 4.20
C SER B 199 6.86 32.44 2.96
N GLY B 200 6.95 31.63 1.92
CA GLY B 200 6.17 31.85 0.69
C GLY B 200 4.82 31.15 0.71
N ILE B 201 4.25 30.92 -0.47
CA ILE B 201 2.91 30.30 -0.57
C ILE B 201 3.05 28.77 -0.49
N ILE B 202 2.26 28.13 0.35
CA ILE B 202 2.25 26.64 0.45
C ILE B 202 1.00 26.11 -0.24
N THR B 203 1.18 25.07 -1.06
CA THR B 203 0.08 24.28 -1.63
C THR B 203 0.36 22.80 -1.39
N TYR B 204 -0.71 22.01 -1.42
CA TYR B 204 -0.66 20.53 -1.53
C TYR B 204 -1.44 20.16 -2.76
N ASN B 205 -0.89 19.22 -3.54
CA ASN B 205 -1.50 18.75 -4.80
C ASN B 205 -2.25 17.45 -4.54
N CYS B 206 -3.58 17.48 -4.40
CA CYS B 206 -4.32 16.22 -4.24
C CYS B 206 -4.45 15.51 -5.59
N ASP B 207 -4.81 14.24 -5.57
CA ASP B 207 -5.00 13.48 -6.83
C ASP B 207 -6.33 13.85 -7.49
N LYS B 208 -6.44 13.50 -8.77
CA LYS B 208 -7.72 13.54 -9.52
C LYS B 208 -8.83 12.94 -8.63
N TYR B 209 -9.97 13.63 -8.60
CA TYR B 209 -11.24 13.22 -7.98
C TYR B 209 -11.21 13.44 -6.45
N GLN B 210 -10.11 13.91 -5.86
CA GLN B 210 -9.94 13.86 -4.38
C GLN B 210 -10.09 15.25 -3.76
N GLU B 211 -10.59 16.24 -4.51
CA GLU B 211 -10.62 17.64 -4.06
C GLU B 211 -11.42 17.79 -2.75
N ASP B 212 -12.46 16.99 -2.58
CA ASP B 212 -13.33 17.11 -1.39
C ASP B 212 -12.88 16.15 -0.29
N GLU B 213 -11.76 15.45 -0.45
CA GLU B 213 -11.43 14.33 0.47
C GLU B 213 -10.29 14.71 1.43
N VAL B 214 -9.67 15.86 1.28
CA VAL B 214 -8.58 16.31 2.16
C VAL B 214 -9.18 17.13 3.28
N THR B 215 -8.98 16.72 4.54
CA THR B 215 -9.69 17.35 5.67
C THR B 215 -8.91 18.58 6.15
N TRP B 216 -7.71 18.80 5.64
CA TRP B 216 -6.80 19.81 6.22
C TRP B 216 -6.45 20.92 5.20
N TRP B 217 -7.29 21.16 4.22
CA TRP B 217 -7.08 22.25 3.22
C TRP B 217 -6.85 23.59 3.94
N ASP B 218 -7.47 23.81 5.09
CA ASP B 218 -7.33 25.10 5.81
C ASP B 218 -5.89 25.34 6.23
N ALA B 219 -5.04 24.31 6.29
CA ALA B 219 -3.66 24.43 6.79
C ALA B 219 -2.72 24.91 5.67
N VAL B 220 -3.15 24.88 4.42
CA VAL B 220 -2.29 25.40 3.32
C VAL B 220 -2.88 26.73 2.81
N ASP B 221 -2.15 27.43 1.95
CA ASP B 221 -2.59 28.73 1.42
C ASP B 221 -3.50 28.56 0.19
N VAL B 222 -3.22 27.56 -0.64
CA VAL B 222 -3.88 27.39 -1.96
C VAL B 222 -4.18 25.92 -2.10
N MET B 223 -5.41 25.60 -2.48
CA MET B 223 -5.77 24.21 -2.85
C MET B 223 -5.27 23.93 -4.27
N SER B 224 -4.87 22.71 -4.57
CA SER B 224 -4.58 22.32 -5.97
C SER B 224 -4.82 20.84 -6.17
N SER B 225 -5.10 20.45 -7.39
CA SER B 225 -5.33 19.05 -7.74
C SER B 225 -4.69 18.73 -9.08
N SER B 226 -4.73 17.47 -9.43
CA SER B 226 -4.25 16.92 -10.72
C SER B 226 -5.44 16.80 -11.68
N GLY B 227 -5.50 17.69 -12.66
CA GLY B 227 -6.62 17.84 -13.61
C GLY B 227 -6.53 16.81 -14.74
N TYR B 228 -6.51 15.53 -14.44
CA TYR B 228 -6.40 14.49 -15.48
C TYR B 228 -7.83 13.96 -15.75
N TYR B 229 -8.75 14.86 -16.00
CA TYR B 229 -10.17 14.47 -16.21
C TYR B 229 -10.33 14.11 -17.68
N PRO B 230 -11.07 13.02 -17.97
CA PRO B 230 -11.22 12.52 -19.32
C PRO B 230 -12.03 13.44 -20.24
N ILE B 231 -11.69 13.38 -21.52
CA ILE B 231 -12.51 14.02 -22.58
C ILE B 231 -13.99 13.67 -22.33
N GLY B 232 -14.83 14.67 -22.38
CA GLY B 232 -16.28 14.57 -22.25
C GLY B 232 -16.73 14.85 -20.83
N SER B 233 -15.79 15.05 -19.87
CA SER B 233 -16.14 15.16 -18.43
C SER B 233 -15.88 16.56 -17.86
N TRP B 234 -15.24 17.47 -18.61
CA TRP B 234 -14.75 18.73 -18.01
C TRP B 234 -15.90 19.61 -17.51
N GLU B 235 -17.03 19.66 -18.21
CA GLU B 235 -18.16 20.50 -17.76
C GLU B 235 -18.64 19.98 -16.41
N HIS B 236 -18.77 18.68 -16.25
CA HIS B 236 -19.17 18.04 -14.97
C HIS B 236 -18.17 18.39 -13.86
N HIS B 237 -16.88 18.24 -14.12
CA HIS B 237 -15.84 18.51 -13.09
C HIS B 237 -15.78 19.98 -12.73
N GLU B 238 -16.03 20.90 -13.67
CA GLU B 238 -16.04 22.33 -13.34
C GLU B 238 -17.10 22.60 -12.28
N SER B 239 -18.28 21.99 -12.45
CA SER B 239 -19.40 22.21 -11.52
C SER B 239 -19.08 21.57 -10.17
N ARG B 240 -18.56 20.35 -10.20
CA ARG B 240 -18.18 19.61 -8.97
C ARG B 240 -17.13 20.40 -8.20
N ILE B 241 -16.05 20.79 -8.88
CA ILE B 241 -14.92 21.48 -8.21
C ILE B 241 -15.35 22.85 -7.73
N LYS B 242 -16.15 23.58 -8.50
CA LYS B 242 -16.59 24.91 -8.06
C LYS B 242 -17.22 24.81 -6.66
N LYS B 243 -18.12 23.86 -6.46
CA LYS B 243 -18.84 23.75 -5.17
C LYS B 243 -17.85 23.45 -4.05
N ILE B 244 -16.87 22.56 -4.30
CA ILE B 244 -15.85 22.20 -3.28
C ILE B 244 -15.05 23.45 -2.91
N VAL B 245 -14.56 24.18 -3.90
CA VAL B 245 -13.72 25.36 -3.65
C VAL B 245 -14.55 26.39 -2.89
N GLU B 246 -15.81 26.58 -3.25
CA GLU B 246 -16.64 27.61 -2.55
C GLU B 246 -16.87 27.17 -1.11
N SER B 247 -16.91 25.87 -0.82
CA SER B 247 -17.15 25.39 0.55
C SER B 247 -15.91 25.67 1.40
N TRP B 248 -14.71 25.64 0.81
CA TRP B 248 -13.45 25.88 1.55
C TRP B 248 -13.06 27.36 1.60
N GLN B 249 -13.50 28.21 0.66
CA GLN B 249 -13.12 29.62 0.59
C GLN B 249 -11.59 29.75 0.55
N LYS B 250 -10.96 29.04 -0.38
CA LYS B 250 -9.52 29.11 -0.67
C LYS B 250 -9.37 29.27 -2.17
N PRO B 251 -8.25 29.88 -2.61
CA PRO B 251 -7.89 29.82 -4.02
C PRO B 251 -7.57 28.38 -4.42
N PHE B 252 -7.85 28.05 -5.67
CA PHE B 252 -7.72 26.69 -6.24
C PHE B 252 -7.10 26.84 -7.62
N PHE B 253 -6.16 25.97 -7.96
CA PHE B 253 -5.66 25.85 -9.35
C PHE B 253 -5.32 24.40 -9.60
N PHE B 254 -5.06 24.05 -10.85
CA PHE B 254 -4.56 22.71 -11.15
C PHE B 254 -3.04 22.69 -11.03
N MET B 255 -2.50 21.91 -10.11
CA MET B 255 -1.00 21.80 -9.96
C MET B 255 -0.43 20.87 -11.01
N GLU B 256 -1.24 20.02 -11.62
CA GLU B 256 -0.88 19.25 -12.84
C GLU B 256 -2.11 19.19 -13.75
N ALA B 257 -1.91 19.22 -15.06
CA ALA B 257 -2.97 18.91 -16.04
C ALA B 257 -2.26 18.64 -17.34
N GLY B 258 -2.64 17.58 -18.02
CA GLY B 258 -2.00 17.24 -19.28
C GLY B 258 -2.51 15.93 -19.81
N CYS B 259 -2.03 15.55 -20.97
CA CYS B 259 -2.46 14.32 -21.66
C CYS B 259 -1.38 13.90 -22.63
N PRO B 260 -1.02 12.59 -22.71
CA PRO B 260 -0.08 12.19 -23.72
C PRO B 260 -0.67 12.33 -25.13
N SER B 261 0.20 12.47 -26.11
CA SER B 261 -0.24 12.51 -27.52
C SER B 261 -0.31 11.07 -28.03
N ARG B 262 -1.25 10.29 -27.49
CA ARG B 262 -1.38 8.85 -27.80
C ARG B 262 -2.83 8.46 -28.08
N LEU B 263 -3.00 7.42 -28.90
CA LEU B 263 -4.34 6.83 -29.16
C LEU B 263 -5.09 6.65 -27.83
N GLU B 264 -6.28 7.23 -27.76
CA GLU B 264 -7.24 7.09 -26.64
C GLU B 264 -6.71 7.59 -25.29
N SER B 265 -5.61 8.30 -25.26
CA SER B 265 -5.10 8.76 -23.93
C SER B 265 -6.10 9.70 -23.25
N GLY B 266 -6.89 10.41 -24.04
CA GLY B 266 -7.90 11.36 -23.54
C GLY B 266 -8.95 10.70 -22.64
N SER B 267 -9.13 9.40 -22.73
CA SER B 267 -10.12 8.74 -21.85
C SER B 267 -9.48 8.47 -20.47
N VAL B 268 -8.14 8.44 -20.39
CA VAL B 268 -7.39 8.22 -19.11
C VAL B 268 -6.10 9.03 -19.15
N PRO B 269 -6.20 10.36 -19.11
CA PRO B 269 -5.04 11.22 -19.34
C PRO B 269 -3.93 11.04 -18.31
N ASN B 270 -4.25 10.50 -17.13
CA ASN B 270 -3.22 10.24 -16.07
C ASN B 270 -2.39 9.00 -16.40
N ASP B 271 -2.84 8.12 -17.30
CA ASP B 271 -2.22 6.77 -17.43
C ASP B 271 -1.00 6.88 -18.35
N TRP B 272 0.12 7.06 -17.73
CA TRP B 272 1.35 7.30 -18.53
C TRP B 272 1.83 6.00 -19.16
N ASN B 273 1.25 4.90 -18.91
CA ASN B 273 1.64 3.59 -19.49
C ASN B 273 0.75 3.16 -20.65
N LYS B 274 -0.33 3.88 -20.93
CA LYS B 274 -1.35 3.47 -21.94
C LYS B 274 -0.79 3.66 -23.36
N ASN B 275 -0.89 2.62 -24.20
CA ASN B 275 -0.74 2.76 -25.67
C ASN B 275 0.58 3.46 -26.02
N ARG B 276 1.68 3.03 -25.40
CA ARG B 276 3.02 3.59 -25.70
C ARG B 276 3.32 3.41 -27.18
N GLY B 277 3.78 4.49 -27.83
CA GLY B 277 4.26 4.50 -29.22
C GLY B 277 3.11 4.56 -30.22
N GLN B 278 1.87 4.57 -29.77
CA GLN B 278 0.68 4.74 -30.65
C GLN B 278 0.32 6.23 -30.71
N ILE B 279 0.86 6.95 -31.69
CA ILE B 279 0.86 8.43 -31.67
C ILE B 279 -0.51 8.94 -32.05
N ASP B 280 -0.99 9.97 -31.35
CA ASP B 280 -2.23 10.69 -31.72
C ASP B 280 -2.12 12.14 -31.22
N MET B 281 -1.70 13.03 -32.10
CA MET B 281 -1.52 14.46 -31.80
C MET B 281 -2.87 15.08 -31.52
N ASP B 282 -3.91 14.61 -32.19
CA ASP B 282 -5.27 15.21 -32.12
C ASP B 282 -5.91 14.91 -30.77
N GLU B 283 -5.64 13.76 -30.20
CA GLU B 283 -6.22 13.39 -28.90
C GLU B 283 -5.76 14.38 -27.83
N GLN B 284 -4.46 14.68 -27.79
CA GLN B 284 -3.87 15.67 -26.86
C GLN B 284 -4.51 17.04 -27.12
N ARG B 285 -4.61 17.45 -28.38
CA ARG B 285 -5.19 18.77 -28.73
C ARG B 285 -6.64 18.88 -28.21
N VAL B 286 -7.44 17.85 -28.40
CA VAL B 286 -8.86 17.83 -27.98
C VAL B 286 -8.99 17.94 -26.46
N PHE B 287 -8.10 17.24 -25.74
CA PHE B 287 -8.05 17.31 -24.26
C PHE B 287 -7.89 18.78 -23.86
N TYR B 288 -6.87 19.46 -24.38
CA TYR B 288 -6.56 20.85 -24.00
C TYR B 288 -7.72 21.78 -24.38
N GLU B 289 -8.30 21.59 -25.57
CA GLU B 289 -9.39 22.49 -26.02
C GLU B 289 -10.54 22.36 -25.04
N GLU B 290 -10.86 21.13 -24.62
CA GLU B 290 -12.02 20.93 -23.71
C GLU B 290 -11.72 21.54 -22.33
N MET B 291 -10.53 21.27 -21.79
CA MET B 291 -10.15 21.77 -20.46
C MET B 291 -10.30 23.30 -20.45
N PHE B 292 -9.76 23.98 -21.45
CA PHE B 292 -9.78 25.45 -21.49
C PHE B 292 -11.18 26.00 -21.80
N LYS B 293 -12.04 25.20 -22.40
CA LYS B 293 -13.43 25.65 -22.67
C LYS B 293 -14.17 25.84 -21.34
N PHE B 294 -13.90 24.99 -20.35
CA PHE B 294 -14.69 24.95 -19.11
C PHE B 294 -13.95 25.61 -17.94
N PHE B 295 -12.62 25.57 -17.92
CA PHE B 295 -11.82 26.24 -16.88
C PHE B 295 -11.04 27.37 -17.52
N HIS B 296 -11.33 28.60 -17.12
CA HIS B 296 -10.69 29.79 -17.74
C HIS B 296 -10.61 30.91 -16.74
N GLY B 297 -11.59 31.80 -16.72
CA GLY B 297 -11.49 33.06 -16.00
C GLY B 297 -12.30 33.10 -14.71
N GLN B 298 -12.93 32.01 -14.27
CA GLN B 298 -13.81 32.02 -13.06
C GLN B 298 -13.04 32.66 -11.92
N LYS B 299 -13.69 33.51 -11.13
CA LYS B 299 -13.02 34.33 -10.09
C LYS B 299 -12.39 33.41 -9.01
N TRP B 300 -12.90 32.19 -8.85
CA TRP B 300 -12.48 31.27 -7.76
C TRP B 300 -11.34 30.39 -8.25
N PHE B 301 -10.99 30.50 -9.55
CA PHE B 301 -10.01 29.61 -10.23
C PHE B 301 -8.74 30.39 -10.56
N TYR B 302 -7.56 29.80 -10.33
CA TYR B 302 -6.28 30.52 -10.42
C TYR B 302 -5.33 29.82 -11.37
N GLY B 303 -5.84 29.00 -12.29
CA GLY B 303 -5.13 28.57 -13.52
C GLY B 303 -4.52 27.19 -13.45
N PHE B 304 -3.43 27.03 -14.21
CA PHE B 304 -2.94 25.73 -14.69
C PHE B 304 -1.43 25.69 -14.56
N MET B 305 -0.95 24.65 -13.90
CA MET B 305 0.45 24.21 -13.97
C MET B 305 0.44 22.91 -14.80
N LEU B 306 0.80 23.03 -16.06
CA LEU B 306 0.69 21.89 -16.99
C LEU B 306 1.76 20.81 -16.77
N TRP B 307 1.48 19.63 -17.27
CA TRP B 307 2.38 18.45 -17.18
C TRP B 307 2.64 17.92 -18.59
N ASP B 308 3.89 17.82 -19.03
CA ASP B 308 5.11 18.36 -18.43
C ASP B 308 6.17 18.61 -19.53
N TRP B 309 7.34 19.07 -19.13
CA TRP B 309 8.39 19.43 -20.08
C TRP B 309 9.71 18.89 -19.54
N PRO B 310 10.40 18.07 -20.33
CA PRO B 310 11.63 17.44 -19.88
C PRO B 310 12.89 18.32 -19.93
N ALA B 311 13.85 18.03 -19.07
CA ALA B 311 15.11 18.75 -19.07
C ALA B 311 15.83 18.55 -20.40
N LYS B 312 15.73 17.38 -20.99
CA LYS B 312 16.32 17.11 -22.30
C LYS B 312 15.17 17.02 -23.27
N LEU B 313 15.06 18.04 -24.10
CA LEU B 313 13.92 18.18 -25.01
C LEU B 313 14.29 17.52 -26.34
N TYR B 314 13.38 16.75 -26.90
CA TYR B 314 13.55 16.16 -28.25
C TYR B 314 13.63 17.28 -29.30
N ARG B 315 14.18 16.93 -30.47
CA ARG B 315 14.25 17.84 -31.64
C ARG B 315 12.83 18.13 -32.17
N LEU B 316 12.57 19.36 -32.60
CA LEU B 316 11.29 19.74 -33.23
C LEU B 316 10.94 18.76 -34.34
N GLU B 317 11.91 18.35 -35.14
CA GLU B 317 11.70 17.43 -36.29
C GLU B 317 11.16 16.07 -35.81
N ASP B 318 11.42 15.67 -34.54
CA ASP B 318 11.03 14.33 -34.01
C ASP B 318 9.70 14.41 -33.22
N ALA B 319 9.09 15.60 -33.12
CA ALA B 319 7.89 15.83 -32.27
C ALA B 319 6.72 14.98 -32.77
N SER B 320 6.54 14.84 -34.10
CA SER B 320 5.38 14.14 -34.67
C SER B 320 5.42 12.66 -34.31
N GLU B 321 6.57 12.14 -33.86
CA GLU B 321 6.72 10.72 -33.46
C GLU B 321 6.86 10.59 -31.94
N ASN B 322 6.61 11.65 -31.17
CA ASN B 322 6.86 11.62 -29.71
C ASN B 322 5.53 11.32 -28.99
N ASP B 323 5.53 10.40 -28.02
CA ASP B 323 4.29 9.91 -27.38
C ASP B 323 4.16 10.47 -25.96
N ASP B 324 4.94 11.50 -25.61
CA ASP B 324 5.00 12.02 -24.22
C ASP B 324 3.85 12.99 -23.92
N TYR B 325 3.73 13.41 -22.64
CA TYR B 325 2.89 14.55 -22.23
C TYR B 325 3.35 15.85 -22.91
N CYS B 326 4.64 15.99 -23.17
CA CYS B 326 5.20 17.26 -23.70
C CYS B 326 4.41 17.69 -24.95
N VAL B 327 4.14 18.99 -25.04
CA VAL B 327 3.36 19.57 -26.18
C VAL B 327 4.32 20.19 -27.21
N TYR B 328 5.61 20.26 -26.94
CA TYR B 328 6.60 20.89 -27.86
C TYR B 328 6.49 20.26 -29.27
N GLY B 329 6.31 21.11 -30.29
CA GLY B 329 6.21 20.66 -31.69
C GLY B 329 4.87 20.06 -32.05
N LYS B 330 3.89 20.11 -31.14
CA LYS B 330 2.59 19.45 -31.34
C LYS B 330 1.48 20.50 -31.44
N PRO B 331 0.31 20.11 -32.00
CA PRO B 331 -0.81 21.03 -32.12
C PRO B 331 -1.30 21.59 -30.78
N ALA B 332 -1.27 20.77 -29.73
CA ALA B 332 -1.70 21.25 -28.40
C ALA B 332 -0.88 22.47 -28.01
N ALA B 333 0.38 22.60 -28.40
CA ALA B 333 1.17 23.78 -27.97
C ALA B 333 0.50 25.09 -28.42
N GLU B 334 -0.12 25.06 -29.60
CA GLU B 334 -0.76 26.26 -30.18
C GLU B 334 -2.05 26.56 -29.45
N VAL B 335 -2.77 25.54 -28.98
CA VAL B 335 -3.96 25.76 -28.13
C VAL B 335 -3.54 26.44 -26.83
N ILE B 336 -2.47 25.94 -26.20
CA ILE B 336 -1.97 26.53 -24.92
C ILE B 336 -1.55 27.97 -25.15
N LYS B 337 -0.70 28.22 -26.14
CA LYS B 337 -0.18 29.59 -26.41
C LYS B 337 -1.36 30.54 -26.64
N SER B 338 -2.32 30.15 -27.46
CA SER B 338 -3.43 31.07 -27.79
C SER B 338 -4.30 31.26 -26.54
N PHE B 339 -4.37 30.27 -25.66
CA PHE B 339 -5.13 30.48 -24.39
C PHE B 339 -4.36 31.43 -23.45
N PHE B 340 -3.08 31.18 -23.21
CA PHE B 340 -2.25 31.96 -22.26
C PHE B 340 -2.02 33.40 -22.75
N THR B 341 -2.15 33.68 -24.04
CA THR B 341 -1.93 35.07 -24.55
C THR B 341 -3.25 35.77 -24.84
N SER B 342 -4.37 35.13 -24.54
CA SER B 342 -5.73 35.66 -24.78
C SER B 342 -6.20 36.50 -23.60
N ASN B 343 -7.35 37.17 -23.78
CA ASN B 343 -7.99 38.08 -22.80
C ASN B 343 -9.02 37.35 -21.91
N LYS B 344 -9.11 36.02 -21.89
CA LYS B 344 -10.03 35.33 -20.94
C LYS B 344 -9.38 35.27 -19.55
C1 BMA C . 1.33 12.82 -11.77
C2 BMA C . 2.83 12.83 -11.56
C3 BMA C . 3.69 11.77 -12.25
C4 BMA C . 3.04 11.25 -13.53
C5 BMA C . 1.81 12.09 -13.86
C6 BMA C . 1.19 11.64 -15.18
O1 BMA C . 0.51 12.89 -10.64
O2 BMA C . 3.20 13.07 -10.23
O3 BMA C . 4.10 10.73 -11.44
O4 BMA C . 3.92 11.43 -14.58
O5 BMA C . 0.93 11.94 -12.79
O6 BMA C . 0.67 10.39 -14.93
C1 BMA C . 4.65 10.30 -14.88
C2 BMA C . 5.31 10.46 -16.25
C3 BMA C . 6.15 9.24 -16.54
C4 BMA C . 7.06 8.93 -15.36
C5 BMA C . 6.31 8.89 -14.04
C6 BMA C . 7.22 8.65 -12.85
O2 BMA C . 6.12 11.62 -16.30
O3 BMA C . 6.96 9.40 -17.70
O4 BMA C . 7.70 7.71 -15.57
O5 BMA C . 5.58 10.06 -13.88
O6 BMA C . 6.50 8.75 -11.65
C1 BMA D . 1.90 -16.11 8.98
C2 BMA D . 1.64 -16.83 7.67
C3 BMA D . 2.80 -17.02 6.67
C4 BMA D . 4.15 -16.93 7.36
C5 BMA D . 3.99 -16.96 8.87
C6 BMA D . 5.31 -16.96 9.59
O1 BMA D . 0.94 -15.15 9.37
O2 BMA D . 0.42 -16.48 7.10
O3 BMA D . 2.80 -16.23 5.52
O4 BMA D . 4.91 -18.02 6.98
O5 BMA D . 3.24 -15.83 9.20
O6 BMA D . 5.95 -15.79 9.32
C1 BMA D . 5.75 -17.81 5.93
C2 BMA D . 6.76 -18.95 5.92
C3 BMA D . 7.63 -18.83 4.71
C4 BMA D . 6.82 -18.58 3.46
C5 BMA D . 5.80 -17.45 3.63
C6 BMA D . 4.92 -17.24 2.42
O2 BMA D . 6.10 -20.19 5.94
O3 BMA D . 8.49 -19.93 4.51
O4 BMA D . 7.70 -18.21 2.43
O5 BMA D . 5.03 -17.74 4.74
O6 BMA D . 3.87 -16.32 2.72
#